data_4M9C
#
_entry.id   4M9C
#
_cell.length_a   148.289
_cell.length_b   148.289
_cell.length_c   182.413
_cell.angle_alpha   90.000
_cell.angle_beta   90.000
_cell.angle_gamma   120.000
#
_symmetry.space_group_name_H-M   'P 31 2 1'
#
loop_
_entity.id
_entity.type
_entity.pdbx_description
1 polymer 'Bacterial transferase hexapeptide (Three repeats) family protein'
2 water water
#
_entity_poly.entity_id   1
_entity_poly.type   'polypeptide(L)'
_entity_poly.pdbx_seq_one_letter_code
;MTMIIGVYGASGFGKEVMPLVRQQFPTLSKEQFAFIDDGLSGTTLNGYPVLSYLDFISKPADHKAVTIAIANSVVREKLV
SLLEKDGVQHLAVQSTNTVILDEVEIGEGSLLCPFTCLTSNIKIGKFFHANIYSYVAHDCVIGDYVTFAPGAKCNGNIHI
EDHAYIGTGAVIKQGTPDKPLIIGKGAIVGMGAVVTKSVPAGVTVVGNPARILERK
;
_entity_poly.pdbx_strand_id   A,B,C,D,E,F
#
# COMPACT_ATOMS: atom_id res chain seq x y z
N MET A 1 -19.40 24.96 8.88
CA MET A 1 -20.61 24.43 9.51
C MET A 1 -20.52 22.91 9.69
N THR A 2 -21.24 22.40 10.69
CA THR A 2 -21.23 20.97 11.05
C THR A 2 -19.99 20.50 11.83
N MET A 3 -18.81 20.62 11.22
CA MET A 3 -17.56 20.22 11.91
C MET A 3 -16.38 21.08 11.47
N ILE A 4 -15.61 21.57 12.44
CA ILE A 4 -14.33 22.19 12.13
C ILE A 4 -13.22 21.52 12.94
N ILE A 5 -12.05 21.40 12.33
CA ILE A 5 -10.91 20.78 12.98
C ILE A 5 -9.81 21.79 13.21
N GLY A 6 -9.32 21.87 14.43
CA GLY A 6 -8.18 22.72 14.70
C GLY A 6 -6.92 21.90 14.96
N VAL A 7 -5.80 22.39 14.44
CA VAL A 7 -4.50 21.84 14.79
C VAL A 7 -3.84 22.84 15.75
N TYR A 8 -3.66 22.43 17.00
CA TYR A 8 -3.17 23.36 18.03
C TYR A 8 -1.66 23.39 17.99
N GLY A 9 -1.12 24.51 17.54
CA GLY A 9 0.32 24.64 17.32
C GLY A 9 0.61 24.88 15.84
N ALA A 10 0.94 26.12 15.51
CA ALA A 10 1.32 26.47 14.14
C ALA A 10 2.79 26.17 13.94
N SER A 11 3.60 26.47 14.95
CA SER A 11 5.04 26.23 14.88
C SER A 11 5.34 24.78 15.24
N GLY A 12 6.63 24.45 15.31
CA GLY A 12 7.06 23.11 15.64
C GLY A 12 6.42 22.09 14.71
N PHE A 13 5.74 21.09 15.27
CA PHE A 13 5.22 20.01 14.45
C PHE A 13 3.87 20.29 13.78
N GLY A 14 3.35 21.50 13.94
CA GLY A 14 2.05 21.85 13.36
C GLY A 14 1.92 21.61 11.87
N LYS A 15 2.93 22.03 11.11
CA LYS A 15 2.84 21.91 9.66
C LYS A 15 3.00 20.46 9.20
N GLU A 16 3.58 19.63 10.06
CA GLU A 16 3.64 18.18 9.82
C GLU A 16 2.29 17.54 10.11
N VAL A 17 1.65 17.98 11.19
CA VAL A 17 0.43 17.32 11.63
C VAL A 17 -0.76 17.65 10.76
N MET A 18 -0.81 18.88 10.23
CA MET A 18 -1.96 19.28 9.42
C MET A 18 -2.26 18.30 8.26
N PRO A 19 -1.26 17.97 7.43
CA PRO A 19 -1.59 17.06 6.33
C PRO A 19 -1.96 15.65 6.81
N LEU A 20 -1.41 15.24 7.96
CA LEU A 20 -1.79 13.95 8.53
C LEU A 20 -3.27 13.95 8.90
N VAL A 21 -3.71 15.01 9.57
CA VAL A 21 -5.11 15.08 9.98
C VAL A 21 -6.05 15.28 8.77
N ARG A 22 -5.56 15.96 7.72
CA ARG A 22 -6.30 16.04 6.47
C ARG A 22 -6.59 14.65 5.92
N GLN A 23 -5.55 13.81 5.91
CA GLN A 23 -5.65 12.42 5.42
C GLN A 23 -6.47 11.55 6.36
N GLN A 24 -6.44 11.85 7.66
CA GLN A 24 -7.24 11.11 8.63
C GLN A 24 -8.74 11.29 8.32
N PHE A 25 -9.10 12.49 7.87
CA PHE A 25 -10.51 12.85 7.61
C PHE A 25 -10.65 13.43 6.21
N PRO A 26 -10.46 12.59 5.18
CA PRO A 26 -10.34 13.03 3.80
C PRO A 26 -11.62 13.62 3.19
N THR A 27 -12.78 13.35 3.76
CA THR A 27 -13.99 13.92 3.17
C THR A 27 -14.25 15.38 3.62
N LEU A 28 -13.56 15.84 4.65
CA LEU A 28 -13.72 17.23 5.09
C LEU A 28 -12.98 18.17 4.14
N SER A 29 -13.61 19.26 3.74
CA SER A 29 -12.97 20.20 2.83
C SER A 29 -11.94 21.03 3.59
N LYS A 30 -10.96 21.56 2.85
CA LYS A 30 -9.88 22.34 3.44
C LYS A 30 -10.42 23.44 4.35
N GLU A 31 -11.52 24.04 3.94
CA GLU A 31 -12.09 25.17 4.66
C GLU A 31 -12.49 24.77 6.09
N GLN A 32 -12.67 23.48 6.32
CA GLN A 32 -13.05 23.04 7.66
C GLN A 32 -11.85 22.90 8.64
N PHE A 33 -10.66 23.22 8.17
CA PHE A 33 -9.45 23.08 9.00
C PHE A 33 -8.77 24.41 9.32
N ALA A 34 -8.19 24.52 10.51
CA ALA A 34 -7.40 25.69 10.88
C ALA A 34 -6.29 25.34 11.85
N PHE A 35 -5.20 26.10 11.76
CA PHE A 35 -4.22 26.14 12.84
C PHE A 35 -4.74 27.01 13.99
N ILE A 36 -4.54 26.56 15.21
CA ILE A 36 -4.87 27.36 16.39
C ILE A 36 -3.58 27.85 17.02
N ASP A 37 -3.40 29.17 17.07
CA ASP A 37 -2.18 29.78 17.62
C ASP A 37 -2.39 31.26 17.95
N ASP A 38 -2.47 31.58 19.24
CA ASP A 38 -2.74 32.95 19.68
C ASP A 38 -1.72 33.92 19.11
N GLY A 39 -0.44 33.58 19.26
CA GLY A 39 0.65 34.38 18.74
C GLY A 39 0.51 34.75 17.28
N LEU A 40 0.10 33.77 16.46
CA LEU A 40 0.01 33.98 15.02
C LEU A 40 -1.41 34.22 14.55
N SER A 41 -2.31 34.47 15.50
CA SER A 41 -3.70 34.78 15.18
C SER A 41 -3.81 35.78 14.03
N GLY A 42 -4.73 35.53 13.11
CA GLY A 42 -4.99 36.47 12.02
C GLY A 42 -4.17 36.25 10.76
N THR A 43 -3.08 35.48 10.89
CA THR A 43 -2.23 35.16 9.73
C THR A 43 -2.77 33.93 8.98
N THR A 44 -2.10 33.55 7.89
CA THR A 44 -2.38 32.28 7.22
C THR A 44 -1.09 31.46 7.08
N LEU A 45 -1.25 30.13 7.04
CA LEU A 45 -0.11 29.22 7.04
C LEU A 45 -0.40 28.03 6.12
N ASN A 46 0.45 27.85 5.11
CA ASN A 46 0.25 26.80 4.10
C ASN A 46 -1.18 26.82 3.54
N GLY A 47 -1.74 28.02 3.41
CA GLY A 47 -3.06 28.21 2.81
C GLY A 47 -4.18 28.04 3.80
N TYR A 48 -3.85 27.86 5.07
CA TYR A 48 -4.86 27.66 6.10
C TYR A 48 -4.91 28.89 7.01
N PRO A 49 -6.09 29.19 7.55
CA PRO A 49 -6.25 30.26 8.55
C PRO A 49 -5.57 29.85 9.84
N VAL A 50 -4.92 30.80 10.49
CA VAL A 50 -4.37 30.59 11.82
C VAL A 50 -5.23 31.41 12.77
N LEU A 51 -5.93 30.73 13.67
CA LEU A 51 -6.89 31.37 14.55
C LEU A 51 -6.40 31.42 15.99
N SER A 52 -6.82 32.44 16.73
CA SER A 52 -6.62 32.45 18.16
C SER A 52 -7.56 31.41 18.71
N TYR A 53 -7.30 30.94 19.93
CA TYR A 53 -8.17 29.94 20.52
C TYR A 53 -9.61 30.48 20.63
N LEU A 54 -9.74 31.71 21.12
CA LEU A 54 -11.06 32.31 21.28
C LEU A 54 -11.83 32.35 19.98
N ASP A 55 -11.17 32.75 18.89
CA ASP A 55 -11.84 32.80 17.60
C ASP A 55 -12.23 31.42 17.10
N PHE A 56 -11.34 30.45 17.31
CA PHE A 56 -11.68 29.07 16.94
C PHE A 56 -12.93 28.63 17.69
N ILE A 57 -12.94 28.81 19.01
CA ILE A 57 -14.08 28.42 19.82
C ILE A 57 -15.35 29.17 19.41
N SER A 58 -15.19 30.41 18.95
CA SER A 58 -16.35 31.23 18.64
C SER A 58 -16.99 30.87 17.30
N LYS A 59 -16.28 30.09 16.47
CA LYS A 59 -16.82 29.73 15.16
C LYS A 59 -18.22 29.13 15.28
N PRO A 60 -19.07 29.39 14.28
CA PRO A 60 -20.36 28.71 14.23
C PRO A 60 -20.10 27.32 13.66
N ALA A 61 -20.34 26.31 14.47
CA ALA A 61 -20.08 24.94 14.04
C ALA A 61 -20.58 24.02 15.12
N ASP A 62 -21.54 23.17 14.75
CA ASP A 62 -22.12 22.23 15.69
C ASP A 62 -21.02 21.53 16.47
N HIS A 63 -20.02 21.02 15.75
CA HIS A 63 -18.98 20.22 16.38
C HIS A 63 -17.57 20.76 16.11
N LYS A 64 -16.76 20.81 17.16
CA LYS A 64 -15.38 21.23 17.03
C LYS A 64 -14.47 20.11 17.57
N ALA A 65 -13.39 19.84 16.85
CA ALA A 65 -12.42 18.82 17.25
C ALA A 65 -11.00 19.32 17.03
N VAL A 66 -10.08 18.88 17.87
CA VAL A 66 -8.72 19.38 17.80
C VAL A 66 -7.69 18.26 17.95
N THR A 67 -6.62 18.35 17.17
CA THR A 67 -5.41 17.58 17.45
C THR A 67 -4.33 18.57 17.89
N ILE A 68 -3.70 18.27 19.01
CA ILE A 68 -2.67 19.15 19.55
C ILE A 68 -1.32 18.71 19.00
N ALA A 69 -0.74 19.53 18.12
CA ALA A 69 0.53 19.20 17.48
C ALA A 69 1.72 19.40 18.44
N ILE A 70 1.49 20.17 19.50
CA ILE A 70 2.58 20.59 20.39
C ILE A 70 3.24 19.43 21.16
N ALA A 71 4.55 19.29 20.97
CA ALA A 71 5.29 18.19 21.58
C ALA A 71 5.55 18.43 23.07
N ASN A 72 5.75 19.70 23.43
CA ASN A 72 5.94 20.10 24.83
C ASN A 72 4.78 19.57 25.68
N SER A 73 5.06 18.59 26.54
CA SER A 73 3.96 17.89 27.21
C SER A 73 3.31 18.68 28.34
N VAL A 74 4.06 19.58 28.95
CA VAL A 74 3.52 20.43 29.99
C VAL A 74 2.49 21.37 29.38
N VAL A 75 2.85 21.95 28.24
CA VAL A 75 1.92 22.82 27.52
C VAL A 75 0.72 22.01 27.04
N ARG A 76 0.99 20.79 26.54
CA ARG A 76 -0.05 19.93 25.99
C ARG A 76 -1.11 19.63 27.05
N GLU A 77 -0.69 19.34 28.27
CA GLU A 77 -1.65 19.07 29.35
C GLU A 77 -2.51 20.28 29.71
N LYS A 78 -1.90 21.47 29.77
CA LYS A 78 -2.66 22.67 30.05
C LYS A 78 -3.66 22.93 28.93
N LEU A 79 -3.25 22.69 27.68
CA LEU A 79 -4.14 22.89 26.54
C LEU A 79 -5.35 21.95 26.59
N VAL A 80 -5.11 20.70 26.95
CA VAL A 80 -6.21 19.75 27.11
C VAL A 80 -7.20 20.25 28.16
N SER A 81 -6.69 20.72 29.29
CA SER A 81 -7.56 21.25 30.36
C SER A 81 -8.38 22.43 29.83
N LEU A 82 -7.74 23.29 29.05
CA LEU A 82 -8.43 24.37 28.36
C LEU A 82 -9.52 23.85 27.42
N LEU A 83 -9.20 22.82 26.61
CA LEU A 83 -10.16 22.29 25.64
C LEU A 83 -11.35 21.59 26.29
N GLU A 84 -11.11 20.95 27.43
CA GLU A 84 -12.19 20.27 28.14
C GLU A 84 -13.25 21.26 28.62
N LYS A 85 -12.81 22.43 29.11
CA LYS A 85 -13.73 23.48 29.55
C LYS A 85 -14.76 23.84 28.50
N ASP A 86 -14.33 23.88 27.23
CA ASP A 86 -15.21 24.26 26.15
C ASP A 86 -15.83 23.05 25.46
N GLY A 87 -15.58 21.87 26.02
CA GLY A 87 -16.13 20.64 25.48
C GLY A 87 -15.68 20.30 24.07
N VAL A 88 -14.45 20.67 23.72
CA VAL A 88 -13.91 20.34 22.40
C VAL A 88 -13.46 18.88 22.37
N GLN A 89 -13.71 18.23 21.25
CA GLN A 89 -13.42 16.81 21.08
C GLN A 89 -11.95 16.59 20.71
N HIS A 90 -11.35 15.53 21.24
CA HIS A 90 -9.96 15.22 20.95
C HIS A 90 -9.86 14.21 19.83
N LEU A 91 -9.05 14.51 18.82
CA LEU A 91 -8.85 13.62 17.69
C LEU A 91 -7.65 12.69 17.90
N ALA A 92 -7.75 11.48 17.35
CA ALA A 92 -6.61 10.60 17.23
C ALA A 92 -6.14 10.65 15.79
N VAL A 93 -4.84 10.78 15.59
CA VAL A 93 -4.29 10.92 14.25
C VAL A 93 -3.18 9.90 14.06
N GLN A 94 -3.27 9.09 13.00
CA GLN A 94 -2.18 8.19 12.63
C GLN A 94 -1.69 8.58 11.25
N SER A 95 -0.68 7.86 10.78
CA SER A 95 -0.23 8.03 9.43
C SER A 95 -0.62 6.81 8.66
N THR A 96 -0.72 6.93 7.34
CA THR A 96 -1.07 5.81 6.49
C THR A 96 -0.16 4.61 6.71
N ASN A 97 1.14 4.84 6.86
CA ASN A 97 2.04 3.70 6.98
C ASN A 97 2.30 3.25 8.43
N THR A 98 1.58 3.81 9.39
CA THR A 98 1.73 3.41 10.79
C THR A 98 1.34 1.94 10.95
N VAL A 99 2.12 1.21 11.73
CA VAL A 99 1.82 -0.19 12.02
C VAL A 99 1.48 -0.36 13.51
N ILE A 100 0.35 -1.01 13.78
CA ILE A 100 -0.05 -1.37 15.14
C ILE A 100 -0.46 -2.85 15.14
N LEU A 101 0.13 -3.66 16.02
CA LEU A 101 -0.14 -5.09 16.06
C LEU A 101 -1.22 -5.48 17.09
N ASP A 102 -0.97 -6.51 17.89
CA ASP A 102 -2.01 -7.10 18.75
C ASP A 102 -2.14 -6.47 20.13
N GLU A 103 -3.36 -6.32 20.62
CA GLU A 103 -3.60 -5.97 22.01
C GLU A 103 -2.88 -4.67 22.40
N VAL A 104 -3.02 -3.66 21.56
CA VAL A 104 -2.48 -2.36 21.88
C VAL A 104 -3.62 -1.45 22.30
N GLU A 105 -3.54 -1.00 23.54
CA GLU A 105 -4.57 -0.15 24.13
C GLU A 105 -4.01 1.27 24.24
N ILE A 106 -4.73 2.24 23.69
CA ILE A 106 -4.23 3.60 23.56
C ILE A 106 -5.27 4.61 24.04
N GLY A 107 -4.89 5.53 24.92
CA GLY A 107 -5.78 6.58 25.36
C GLY A 107 -6.07 7.62 24.28
N GLU A 108 -7.06 8.48 24.52
CA GLU A 108 -7.46 9.50 23.55
C GLU A 108 -6.32 10.47 23.19
N GLY A 109 -6.46 11.12 22.05
CA GLY A 109 -5.53 12.16 21.66
C GLY A 109 -4.15 11.69 21.25
N SER A 110 -4.04 10.45 20.78
CA SER A 110 -2.75 9.96 20.30
C SER A 110 -2.40 10.61 18.96
N LEU A 111 -1.11 10.71 18.70
CA LEU A 111 -0.63 11.26 17.44
C LEU A 111 0.54 10.41 16.96
N LEU A 112 0.33 9.62 15.91
CA LEU A 112 1.37 8.71 15.42
C LEU A 112 1.82 9.14 14.04
N CYS A 113 3.05 9.62 13.94
CA CYS A 113 3.57 10.17 12.70
C CYS A 113 4.05 9.06 11.74
N PRO A 114 4.49 9.45 10.52
CA PRO A 114 4.92 8.45 9.54
C PRO A 114 6.04 7.52 10.02
N PHE A 115 5.94 6.26 9.62
CA PHE A 115 6.91 5.22 9.97
C PHE A 115 6.96 4.88 11.44
N THR A 116 5.85 5.06 12.13
CA THR A 116 5.78 4.64 13.52
C THR A 116 5.27 3.21 13.63
N CYS A 117 5.57 2.58 14.74
CA CYS A 117 5.23 1.18 14.93
C CYS A 117 4.96 0.90 16.39
N LEU A 118 3.80 0.32 16.68
CA LEU A 118 3.47 -0.19 18.00
C LEU A 118 3.26 -1.69 17.84
N THR A 119 3.97 -2.52 18.61
CA THR A 119 3.86 -3.96 18.40
C THR A 119 2.67 -4.59 19.16
N SER A 120 2.91 -5.42 20.17
CA SER A 120 1.83 -6.15 20.83
C SER A 120 1.80 -6.06 22.35
N ASN A 121 0.61 -6.06 22.93
CA ASN A 121 0.44 -6.13 24.37
C ASN A 121 1.05 -4.89 25.02
N ILE A 122 0.47 -3.74 24.68
CA ILE A 122 1.01 -2.45 25.04
C ILE A 122 -0.12 -1.62 25.59
N LYS A 123 0.16 -0.87 26.65
CA LYS A 123 -0.83 0.04 27.21
C LYS A 123 -0.25 1.44 27.12
N ILE A 124 -0.98 2.33 26.45
CA ILE A 124 -0.55 3.70 26.26
C ILE A 124 -1.62 4.65 26.78
N GLY A 125 -1.19 5.63 27.58
CA GLY A 125 -2.13 6.57 28.18
C GLY A 125 -2.60 7.65 27.22
N LYS A 126 -2.96 8.80 27.77
CA LYS A 126 -3.59 9.86 26.99
C LYS A 126 -2.56 10.81 26.37
N PHE A 127 -2.92 11.34 25.20
CA PHE A 127 -2.13 12.38 24.53
C PHE A 127 -0.67 11.97 24.31
N PHE A 128 -0.49 10.71 23.92
CA PHE A 128 0.80 10.19 23.49
C PHE A 128 1.18 10.75 22.13
N HIS A 129 2.44 11.15 22.00
CA HIS A 129 2.97 11.66 20.73
C HIS A 129 4.16 10.81 20.30
N ALA A 130 4.05 10.20 19.13
CA ALA A 130 5.15 9.43 18.55
C ALA A 130 5.50 10.05 17.22
N ASN A 131 6.65 10.71 17.15
CA ASN A 131 7.08 11.32 15.91
CA ASN A 131 7.09 11.33 15.91
C ASN A 131 7.75 10.29 15.01
N ILE A 132 8.13 10.73 13.82
CA ILE A 132 8.58 9.81 12.78
C ILE A 132 9.65 8.80 13.18
N TYR A 133 9.42 7.55 12.76
CA TYR A 133 10.34 6.43 13.02
C TYR A 133 10.42 5.99 14.46
N SER A 134 9.61 6.56 15.35
CA SER A 134 9.62 6.07 16.73
C SER A 134 8.76 4.80 16.85
N TYR A 135 9.07 3.98 17.86
CA TYR A 135 8.29 2.77 18.08
C TYR A 135 8.19 2.38 19.54
N VAL A 136 7.18 1.58 19.86
CA VAL A 136 7.02 1.00 21.17
C VAL A 136 6.87 -0.52 20.99
N ALA A 137 7.73 -1.29 21.65
CA ALA A 137 7.75 -2.74 21.46
C ALA A 137 6.90 -3.44 22.52
N HIS A 138 7.03 -4.76 22.62
CA HIS A 138 6.06 -5.59 23.36
C HIS A 138 6.08 -5.36 24.88
N ASP A 139 4.90 -5.43 25.48
CA ASP A 139 4.77 -5.42 26.94
C ASP A 139 5.21 -4.12 27.59
N CYS A 140 5.03 -3.01 26.91
CA CYS A 140 5.38 -1.73 27.49
C CYS A 140 4.15 -1.09 28.11
N VAL A 141 4.35 -0.26 29.13
CA VAL A 141 3.28 0.54 29.68
C VAL A 141 3.75 1.99 29.61
N ILE A 142 2.93 2.82 28.98
CA ILE A 142 3.29 4.20 28.74
C ILE A 142 2.21 5.10 29.29
N GLY A 143 2.60 6.07 30.12
CA GLY A 143 1.65 6.90 30.84
C GLY A 143 1.08 8.02 30.00
N ASP A 144 0.67 9.11 30.65
CA ASP A 144 0.00 10.23 29.99
C ASP A 144 0.99 11.33 29.63
N TYR A 145 0.70 12.06 28.56
CA TYR A 145 1.51 13.20 28.12
C TYR A 145 2.97 12.83 27.89
N VAL A 146 3.18 11.65 27.32
CA VAL A 146 4.50 11.20 26.97
C VAL A 146 4.80 11.57 25.52
N THR A 147 6.05 11.96 25.26
CA THR A 147 6.46 12.40 23.94
C THR A 147 7.67 11.63 23.47
N PHE A 148 7.56 11.01 22.30
CA PHE A 148 8.69 10.34 21.65
C PHE A 148 9.09 11.24 20.49
N ALA A 149 10.32 11.75 20.55
CA ALA A 149 10.86 12.52 19.44
C ALA A 149 11.14 11.53 18.31
N PRO A 150 11.47 12.05 17.12
CA PRO A 150 11.73 11.17 15.96
C PRO A 150 12.85 10.18 16.21
N GLY A 151 12.62 8.93 15.82
CA GLY A 151 13.64 7.90 15.91
C GLY A 151 13.83 7.35 17.30
N ALA A 152 12.92 7.70 18.20
CA ALA A 152 13.00 7.20 19.59
C ALA A 152 12.63 5.72 19.60
N LYS A 153 13.44 4.92 20.29
CA LYS A 153 13.32 3.45 20.25
C LYS A 153 13.05 2.88 21.64
N CYS A 154 11.81 2.52 21.88
CA CYS A 154 11.41 1.95 23.17
C CYS A 154 11.18 0.44 23.00
N ASN A 155 12.14 -0.35 23.46
CA ASN A 155 12.04 -1.79 23.35
C ASN A 155 11.15 -2.44 24.41
N GLY A 156 11.28 -3.75 24.56
CA GLY A 156 10.32 -4.49 25.36
C GLY A 156 10.39 -4.32 26.86
N ASN A 157 9.23 -4.47 27.52
CA ASN A 157 9.15 -4.46 28.97
C ASN A 157 9.70 -3.18 29.57
N ILE A 158 9.26 -2.05 29.03
CA ILE A 158 9.67 -0.76 29.54
C ILE A 158 8.43 -0.03 30.02
N HIS A 159 8.53 0.61 31.18
CA HIS A 159 7.44 1.44 31.68
C HIS A 159 7.90 2.89 31.67
N ILE A 160 7.24 3.71 30.85
CA ILE A 160 7.57 5.12 30.73
C ILE A 160 6.45 5.90 31.39
N GLU A 161 6.77 6.58 32.50
CA GLU A 161 5.73 7.22 33.29
C GLU A 161 5.35 8.61 32.76
N ASP A 162 4.31 9.21 33.35
CA ASP A 162 3.77 10.48 32.88
C ASP A 162 4.83 11.53 32.52
N HIS A 163 4.57 12.26 31.44
CA HIS A 163 5.35 13.46 31.10
C HIS A 163 6.80 13.23 30.74
N ALA A 164 7.23 11.98 30.59
CA ALA A 164 8.58 11.71 30.13
C ALA A 164 8.76 12.16 28.67
N TYR A 165 9.98 12.57 28.31
CA TYR A 165 10.31 12.93 26.94
C TYR A 165 11.47 12.05 26.48
N ILE A 166 11.27 11.30 25.41
CA ILE A 166 12.34 10.47 24.85
C ILE A 166 12.93 11.15 23.62
N GLY A 167 14.20 11.53 23.72
CA GLY A 167 14.83 12.37 22.73
C GLY A 167 15.10 11.70 21.39
N THR A 168 15.43 12.53 20.40
CA THR A 168 15.55 12.06 19.02
C THR A 168 16.72 11.06 18.87
N GLY A 169 16.42 9.89 18.33
CA GLY A 169 17.43 8.86 18.13
C GLY A 169 17.81 8.11 19.41
N ALA A 170 17.15 8.40 20.52
CA ALA A 170 17.50 7.68 21.75
C ALA A 170 17.07 6.21 21.66
N VAL A 171 17.78 5.33 22.35
CA VAL A 171 17.44 3.91 22.44
C VAL A 171 17.32 3.51 23.88
N ILE A 172 16.29 2.75 24.21
CA ILE A 172 16.11 2.27 25.57
C ILE A 172 16.16 0.75 25.61
N LYS A 173 17.04 0.21 26.45
CA LYS A 173 17.21 -1.22 26.63
C LYS A 173 15.96 -1.91 27.14
N GLN A 174 15.72 -3.13 26.69
CA GLN A 174 14.56 -3.86 27.15
C GLN A 174 14.69 -4.18 28.64
N GLY A 175 13.56 -4.23 29.33
CA GLY A 175 13.54 -4.77 30.68
C GLY A 175 13.18 -6.25 30.61
N THR A 176 12.68 -6.81 31.70
CA THR A 176 12.22 -8.20 31.73
C THR A 176 10.82 -8.19 32.33
N PRO A 177 10.07 -9.30 32.19
CA PRO A 177 8.72 -9.30 32.79
C PRO A 177 8.76 -9.10 34.30
N ASP A 178 9.82 -9.58 34.95
CA ASP A 178 9.97 -9.37 36.39
C ASP A 178 10.52 -8.00 36.74
N LYS A 179 11.47 -7.50 35.94
CA LYS A 179 12.08 -6.21 36.21
C LYS A 179 12.00 -5.29 35.00
N PRO A 180 10.86 -4.61 34.85
CA PRO A 180 10.76 -3.64 33.76
C PRO A 180 11.81 -2.54 33.91
N LEU A 181 12.29 -2.01 32.80
CA LEU A 181 13.11 -0.81 32.85
C LEU A 181 12.16 0.40 32.95
N ILE A 182 12.43 1.29 33.90
CA ILE A 182 11.52 2.40 34.16
C ILE A 182 12.14 3.74 33.80
N ILE A 183 11.41 4.52 33.02
CA ILE A 183 11.73 5.91 32.77
C ILE A 183 10.81 6.73 33.67
N GLY A 184 11.38 7.42 34.64
CA GLY A 184 10.58 8.10 35.66
C GLY A 184 9.73 9.28 35.20
N LYS A 185 8.71 9.59 35.98
CA LYS A 185 7.82 10.68 35.67
C LYS A 185 8.61 11.98 35.36
N GLY A 186 8.33 12.57 34.20
CA GLY A 186 8.94 13.83 33.81
C GLY A 186 10.42 13.77 33.49
N ALA A 187 10.98 12.57 33.41
CA ALA A 187 12.38 12.46 33.05
C ALA A 187 12.57 12.95 31.60
N ILE A 188 13.80 13.26 31.26
CA ILE A 188 14.16 13.66 29.91
C ILE A 188 15.31 12.78 29.44
N VAL A 189 15.07 11.95 28.42
CA VAL A 189 16.15 11.17 27.82
C VAL A 189 16.68 12.00 26.65
N GLY A 190 17.95 12.37 26.70
CA GLY A 190 18.48 13.32 25.73
C GLY A 190 18.61 12.70 24.36
N MET A 191 18.65 13.51 23.30
CA MET A 191 18.88 12.97 21.97
C MET A 191 20.11 12.06 21.94
N GLY A 192 19.99 10.96 21.21
CA GLY A 192 21.10 10.06 21.01
C GLY A 192 21.52 9.25 22.22
N ALA A 193 20.80 9.38 23.34
CA ALA A 193 21.20 8.65 24.53
C ALA A 193 20.94 7.15 24.41
N VAL A 194 21.84 6.34 24.96
CA VAL A 194 21.66 4.89 24.96
C VAL A 194 21.38 4.46 26.40
N VAL A 195 20.10 4.28 26.71
CA VAL A 195 19.67 4.06 28.08
C VAL A 195 19.76 2.59 28.46
N THR A 196 20.62 2.29 29.43
CA THR A 196 20.89 0.90 29.82
C THR A 196 20.27 0.52 31.17
N LYS A 197 19.65 1.49 31.83
CA LYS A 197 19.02 1.20 33.11
C LYS A 197 17.96 2.23 33.41
N SER A 198 17.11 1.94 34.40
CA SER A 198 16.05 2.85 34.79
C SER A 198 16.57 4.28 35.04
N VAL A 199 15.75 5.25 34.68
CA VAL A 199 16.06 6.66 34.87
C VAL A 199 15.10 7.23 35.91
N PRO A 200 15.63 7.88 36.96
CA PRO A 200 14.85 8.49 38.05
C PRO A 200 13.89 9.58 37.56
N ALA A 201 12.76 9.73 38.25
CA ALA A 201 11.81 10.75 37.90
C ALA A 201 12.51 12.11 37.89
N GLY A 202 12.15 12.96 36.93
CA GLY A 202 12.55 14.35 36.96
C GLY A 202 14.00 14.67 36.62
N VAL A 203 14.78 13.70 36.17
CA VAL A 203 16.16 13.99 35.80
C VAL A 203 16.37 13.90 34.30
N THR A 204 17.49 14.40 33.82
CA THR A 204 17.82 14.21 32.42
C THR A 204 19.04 13.30 32.29
N VAL A 205 19.08 12.49 31.25
CA VAL A 205 20.26 11.68 30.97
C VAL A 205 20.74 11.96 29.54
N VAL A 206 22.02 11.72 29.28
CA VAL A 206 22.57 11.88 27.95
C VAL A 206 23.73 10.91 27.79
N GLY A 207 24.12 10.63 26.55
CA GLY A 207 25.31 9.86 26.27
C GLY A 207 25.15 8.37 26.01
N ASN A 208 26.28 7.72 25.71
CA ASN A 208 26.37 6.30 25.42
C ASN A 208 27.54 5.70 26.23
N PRO A 209 27.25 5.04 27.36
CA PRO A 209 25.91 4.79 27.90
C PRO A 209 25.32 6.04 28.57
N ALA A 210 24.01 6.07 28.73
CA ALA A 210 23.35 7.25 29.29
C ALA A 210 23.75 7.44 30.74
N ARG A 211 24.05 8.68 31.11
CA ARG A 211 24.40 9.05 32.48
C ARG A 211 23.58 10.26 32.91
N ILE A 212 23.28 10.35 34.21
CA ILE A 212 22.49 11.47 34.69
C ILE A 212 23.28 12.74 34.52
N LEU A 213 22.65 13.74 33.91
CA LEU A 213 23.31 15.01 33.64
C LEU A 213 22.74 16.09 34.55
N GLU A 214 21.45 16.38 34.40
CA GLU A 214 20.80 17.35 35.27
C GLU A 214 19.90 16.63 36.27
N ARG A 215 20.24 16.70 37.55
CA ARG A 215 19.36 16.10 38.57
C ARG A 215 18.87 17.07 39.63
N LYS A 216 19.29 18.33 39.53
CA LYS A 216 18.74 19.37 40.39
C LYS A 216 18.29 20.54 39.53
N MET B 1 -6.60 -28.71 10.87
CA MET B 1 -6.52 -30.15 10.60
C MET B 1 -5.75 -30.44 9.30
N THR B 2 -5.96 -29.60 8.28
CA THR B 2 -5.13 -29.67 7.09
C THR B 2 -3.74 -29.10 7.40
N MET B 3 -3.72 -28.00 8.15
CA MET B 3 -2.47 -27.32 8.49
C MET B 3 -2.59 -26.68 9.88
N ILE B 4 -1.60 -26.92 10.74
CA ILE B 4 -1.52 -26.17 11.99
C ILE B 4 -0.21 -25.37 12.09
N ILE B 5 -0.31 -24.10 12.49
CA ILE B 5 0.89 -23.26 12.58
C ILE B 5 1.26 -22.94 14.02
N GLY B 6 2.52 -23.19 14.37
CA GLY B 6 2.99 -22.90 15.71
C GLY B 6 3.97 -21.73 15.75
N VAL B 7 3.82 -20.87 16.76
CA VAL B 7 4.80 -19.82 17.02
C VAL B 7 5.60 -20.18 18.27
N TYR B 8 6.86 -20.52 18.09
CA TYR B 8 7.67 -21.03 19.18
C TYR B 8 8.22 -19.87 20.00
N GLY B 9 7.74 -19.77 21.23
CA GLY B 9 8.09 -18.69 22.13
C GLY B 9 6.84 -17.87 22.38
N ALA B 10 6.30 -17.94 23.59
CA ALA B 10 5.08 -17.19 23.90
C ALA B 10 5.41 -15.91 24.65
N SER B 11 6.53 -15.90 25.36
CA SER B 11 6.95 -14.66 25.98
C SER B 11 7.77 -13.92 24.95
N GLY B 12 7.94 -12.61 25.14
CA GLY B 12 8.82 -11.84 24.28
C GLY B 12 8.28 -11.62 22.88
N PHE B 13 9.12 -11.90 21.88
CA PHE B 13 8.79 -11.56 20.49
C PHE B 13 7.66 -12.41 19.93
N GLY B 14 7.33 -13.49 20.61
CA GLY B 14 6.21 -14.33 20.20
C GLY B 14 4.93 -13.56 19.96
N LYS B 15 4.65 -12.58 20.82
CA LYS B 15 3.40 -11.84 20.72
C LYS B 15 3.40 -10.92 19.50
N GLU B 16 4.60 -10.55 19.07
CA GLU B 16 4.78 -9.70 17.89
C GLU B 16 4.71 -10.54 16.61
N VAL B 17 5.27 -11.75 16.68
CA VAL B 17 5.33 -12.61 15.49
C VAL B 17 3.97 -13.19 15.08
N MET B 18 3.12 -13.55 16.05
CA MET B 18 1.82 -14.15 15.75
C MET B 18 0.97 -13.31 14.77
N PRO B 19 0.80 -12.01 15.05
CA PRO B 19 0.02 -11.20 14.11
C PRO B 19 0.65 -11.18 12.72
N LEU B 20 1.98 -11.28 12.64
CA LEU B 20 2.66 -11.31 11.36
C LEU B 20 2.32 -12.60 10.63
N VAL B 21 2.36 -13.71 11.36
CA VAL B 21 2.06 -15.02 10.75
C VAL B 21 0.58 -15.10 10.35
N ARG B 22 -0.31 -14.51 11.16
CA ARG B 22 -1.72 -14.46 10.82
C ARG B 22 -1.96 -13.73 9.49
N GLN B 23 -1.22 -12.63 9.26
CA GLN B 23 -1.43 -11.83 8.05
C GLN B 23 -0.81 -12.51 6.85
N GLN B 24 0.23 -13.27 7.12
CA GLN B 24 0.94 -14.02 6.09
C GLN B 24 0.07 -15.16 5.56
N PHE B 25 -0.88 -15.61 6.36
CA PHE B 25 -1.73 -16.74 6.02
C PHE B 25 -3.18 -16.43 6.31
N PRO B 26 -3.74 -15.44 5.58
CA PRO B 26 -5.06 -14.88 5.90
C PRO B 26 -6.22 -15.87 5.82
N THR B 27 -6.10 -16.91 5.00
CA THR B 27 -7.22 -17.79 4.77
C THR B 27 -7.29 -18.89 5.83
N LEU B 28 -6.27 -19.01 6.66
CA LEU B 28 -6.31 -19.94 7.78
C LEU B 28 -7.13 -19.36 8.93
N SER B 29 -7.91 -20.21 9.58
CA SER B 29 -8.76 -19.76 10.66
C SER B 29 -7.96 -19.72 11.94
N LYS B 30 -8.39 -18.85 12.85
CA LYS B 30 -7.69 -18.64 14.13
C LYS B 30 -7.31 -19.97 14.74
N GLU B 31 -8.26 -20.91 14.73
CA GLU B 31 -8.07 -22.20 15.38
C GLU B 31 -6.90 -23.01 14.84
N GLN B 32 -6.35 -22.60 13.70
CA GLN B 32 -5.18 -23.31 13.18
C GLN B 32 -3.85 -22.75 13.69
N PHE B 33 -3.88 -21.85 14.67
CA PHE B 33 -2.66 -21.22 15.18
C PHE B 33 -2.44 -21.49 16.67
N ALA B 34 -1.20 -21.62 17.07
CA ALA B 34 -0.90 -21.76 18.48
C ALA B 34 0.50 -21.27 18.82
N PHE B 35 0.66 -20.81 20.05
CA PHE B 35 2.00 -20.62 20.59
C PHE B 35 2.53 -21.97 21.08
N ILE B 36 3.83 -22.21 20.92
CA ILE B 36 4.44 -23.35 21.56
C ILE B 36 5.33 -22.86 22.70
N ASP B 37 4.99 -23.23 23.92
CA ASP B 37 5.84 -22.89 25.07
C ASP B 37 5.73 -23.91 26.21
N ASP B 38 6.82 -24.62 26.46
CA ASP B 38 6.92 -25.47 27.64
C ASP B 38 7.09 -24.53 28.84
N GLY B 39 6.09 -24.53 29.72
CA GLY B 39 6.09 -23.62 30.84
C GLY B 39 4.75 -22.91 30.91
N LEU B 40 4.50 -22.05 29.93
CA LEU B 40 3.20 -21.42 29.77
C LEU B 40 2.20 -22.41 29.17
N SER B 41 2.67 -23.62 28.92
CA SER B 41 1.81 -24.71 28.47
C SER B 41 0.47 -24.69 29.22
N GLY B 42 -0.60 -25.06 28.52
CA GLY B 42 -1.90 -25.13 29.14
C GLY B 42 -2.63 -23.79 29.24
N THR B 43 -1.89 -22.69 29.16
CA THR B 43 -2.51 -21.37 29.30
C THR B 43 -3.05 -20.81 27.98
N THR B 44 -3.45 -19.55 28.02
CA THR B 44 -3.95 -18.87 26.83
C THR B 44 -3.25 -17.51 26.69
N LEU B 45 -3.03 -17.07 25.46
CA LEU B 45 -2.32 -15.82 25.20
C LEU B 45 -2.94 -15.12 24.00
N ASN B 46 -3.36 -13.88 24.19
CA ASN B 46 -4.03 -13.09 23.16
C ASN B 46 -5.03 -13.93 22.37
N GLY B 47 -5.70 -14.85 23.07
CA GLY B 47 -6.79 -15.61 22.49
C GLY B 47 -6.34 -16.92 21.87
N TYR B 48 -5.03 -17.18 21.91
CA TYR B 48 -4.48 -18.39 21.33
C TYR B 48 -4.12 -19.41 22.39
N PRO B 49 -4.36 -20.69 22.12
CA PRO B 49 -3.83 -21.72 23.01
C PRO B 49 -2.31 -21.68 23.05
N VAL B 50 -1.75 -21.92 24.23
CA VAL B 50 -0.32 -22.12 24.36
C VAL B 50 -0.09 -23.60 24.65
N LEU B 51 0.62 -24.28 23.77
CA LEU B 51 0.80 -25.72 23.87
C LEU B 51 2.24 -26.07 24.19
N SER B 52 2.43 -27.19 24.88
CA SER B 52 3.75 -27.76 25.02
C SER B 52 4.17 -28.26 23.65
N TYR B 53 5.46 -28.46 23.45
CA TYR B 53 5.94 -28.95 22.17
C TYR B 53 5.33 -30.33 21.89
N LEU B 54 5.39 -31.21 22.88
CA LEU B 54 4.80 -32.54 22.74
C LEU B 54 3.33 -32.48 22.35
N ASP B 55 2.56 -31.64 23.03
CA ASP B 55 1.14 -31.46 22.70
C ASP B 55 0.96 -31.00 21.26
N PHE B 56 1.86 -30.13 20.81
CA PHE B 56 1.80 -29.62 19.45
C PHE B 56 2.06 -30.74 18.47
N ILE B 57 3.16 -31.46 18.67
CA ILE B 57 3.55 -32.56 17.80
C ILE B 57 2.47 -33.64 17.72
N SER B 58 1.62 -33.73 18.74
CA SER B 58 0.66 -34.82 18.81
C SER B 58 -0.71 -34.46 18.20
N LYS B 59 -0.94 -33.18 17.93
CA LYS B 59 -2.20 -32.76 17.32
C LYS B 59 -2.41 -33.42 15.96
N PRO B 60 -3.65 -33.81 15.65
CA PRO B 60 -3.94 -34.44 14.37
C PRO B 60 -3.98 -33.41 13.25
N ALA B 61 -2.92 -33.34 12.45
CA ALA B 61 -2.88 -32.41 11.34
C ALA B 61 -2.01 -32.99 10.23
N ASP B 62 -2.50 -32.87 9.00
CA ASP B 62 -1.77 -33.38 7.84
C ASP B 62 -0.42 -32.70 7.74
N HIS B 63 -0.39 -31.40 7.96
CA HIS B 63 0.86 -30.65 7.85
C HIS B 63 1.06 -29.68 9.02
N LYS B 64 2.32 -29.52 9.41
CA LYS B 64 2.65 -28.65 10.54
C LYS B 64 3.82 -27.73 10.20
N ALA B 65 3.68 -26.47 10.56
CA ALA B 65 4.72 -25.48 10.30
C ALA B 65 4.99 -24.63 11.54
N VAL B 66 6.24 -24.25 11.74
CA VAL B 66 6.61 -23.45 12.91
C VAL B 66 7.54 -22.28 12.58
N THR B 67 7.24 -21.13 13.16
CA THR B 67 8.20 -20.04 13.19
C THR B 67 8.74 -19.91 14.61
N ILE B 68 10.06 -19.85 14.73
CA ILE B 68 10.69 -19.74 16.03
C ILE B 68 10.91 -18.26 16.38
N ALA B 69 10.13 -17.74 17.31
CA ALA B 69 10.20 -16.32 17.67
C ALA B 69 11.15 -16.07 18.82
N ILE B 70 12.14 -16.93 18.99
CA ILE B 70 13.09 -16.80 20.07
C ILE B 70 14.38 -16.16 19.58
N ALA B 71 14.73 -15.02 20.17
CA ALA B 71 15.91 -14.26 19.77
C ALA B 71 17.22 -14.99 20.10
N ASN B 72 17.27 -15.65 21.25
CA ASN B 72 18.47 -16.39 21.64
C ASN B 72 18.89 -17.39 20.57
N SER B 73 20.04 -17.15 19.97
CA SER B 73 20.58 -17.92 18.84
C SER B 73 20.77 -19.41 19.15
N VAL B 74 21.23 -19.71 20.36
CA VAL B 74 21.54 -21.07 20.76
C VAL B 74 20.26 -21.87 20.99
N VAL B 75 19.29 -21.26 21.66
CA VAL B 75 18.00 -21.91 21.83
C VAL B 75 17.37 -22.16 20.46
N ARG B 76 17.48 -21.17 19.57
CA ARG B 76 16.91 -21.29 18.23
C ARG B 76 17.47 -22.51 17.50
N GLU B 77 18.79 -22.69 17.54
CA GLU B 77 19.39 -23.83 16.85
C GLU B 77 18.94 -25.15 17.48
N LYS B 78 18.78 -25.15 18.81
CA LYS B 78 18.29 -26.32 19.51
C LYS B 78 16.88 -26.67 19.08
N LEU B 79 16.01 -25.67 19.02
CA LEU B 79 14.63 -25.94 18.66
C LEU B 79 14.52 -26.40 17.20
N VAL B 80 15.42 -25.92 16.35
CA VAL B 80 15.42 -26.32 14.94
C VAL B 80 15.63 -27.84 14.80
N SER B 81 16.67 -28.36 15.44
CA SER B 81 16.97 -29.80 15.34
C SER B 81 15.82 -30.64 15.89
N LEU B 82 15.19 -30.12 16.95
CA LEU B 82 13.99 -30.73 17.49
C LEU B 82 12.88 -30.81 16.42
N LEU B 83 12.65 -29.71 15.73
CA LEU B 83 11.61 -29.66 14.70
C LEU B 83 11.91 -30.62 13.57
N GLU B 84 13.17 -30.67 13.16
CA GLU B 84 13.57 -31.49 12.01
C GLU B 84 13.44 -32.96 12.34
N LYS B 85 13.69 -33.31 13.61
CA LYS B 85 13.51 -34.67 14.08
C LYS B 85 12.07 -35.09 13.82
N ASP B 86 11.14 -34.14 13.97
CA ASP B 86 9.72 -34.46 13.81
C ASP B 86 9.16 -34.04 12.47
N GLY B 87 10.04 -33.70 11.53
CA GLY B 87 9.60 -33.32 10.20
C GLY B 87 8.63 -32.15 10.13
N VAL B 88 8.73 -31.23 11.08
CA VAL B 88 7.92 -30.02 11.04
C VAL B 88 8.56 -29.03 10.08
N GLN B 89 7.73 -28.34 9.29
CA GLN B 89 8.20 -27.33 8.35
C GLN B 89 8.67 -26.05 9.03
N HIS B 90 9.73 -25.45 8.48
CA HIS B 90 10.17 -24.12 8.91
C HIS B 90 9.46 -23.04 8.11
N LEU B 91 8.69 -22.22 8.82
CA LEU B 91 7.90 -21.16 8.21
C LEU B 91 8.74 -19.88 8.03
N ALA B 92 8.71 -19.30 6.85
CA ALA B 92 9.32 -17.99 6.60
C ALA B 92 8.27 -16.91 6.78
N VAL B 93 8.62 -15.84 7.49
CA VAL B 93 7.66 -14.81 7.84
C VAL B 93 8.23 -13.44 7.49
N GLN B 94 7.48 -12.67 6.72
CA GLN B 94 7.84 -11.28 6.41
C GLN B 94 6.70 -10.38 6.81
N SER B 95 6.97 -9.09 6.84
CA SER B 95 5.92 -8.13 7.10
C SER B 95 5.45 -7.57 5.79
N THR B 96 4.20 -7.12 5.77
CA THR B 96 3.61 -6.50 4.60
C THR B 96 4.48 -5.37 4.06
N ASN B 97 5.07 -4.58 4.95
CA ASN B 97 5.84 -3.41 4.51
C ASN B 97 7.35 -3.66 4.35
N THR B 98 7.79 -4.90 4.51
CA THR B 98 9.20 -5.24 4.30
C THR B 98 9.60 -4.95 2.85
N VAL B 99 10.81 -4.44 2.64
CA VAL B 99 11.29 -4.18 1.30
C VAL B 99 12.51 -5.06 1.01
N ILE B 100 12.49 -5.72 -0.15
CA ILE B 100 13.64 -6.50 -0.63
C ILE B 100 13.94 -6.13 -2.08
N LEU B 101 15.17 -5.76 -2.40
CA LEU B 101 15.50 -5.39 -3.77
C LEU B 101 16.11 -6.56 -4.58
N ASP B 102 17.13 -6.31 -5.39
CA ASP B 102 17.60 -7.33 -6.34
C ASP B 102 18.55 -8.37 -5.75
N GLU B 103 18.44 -9.60 -6.26
CA GLU B 103 19.43 -10.65 -6.00
C GLU B 103 19.67 -10.86 -4.50
N VAL B 104 18.59 -11.07 -3.76
CA VAL B 104 18.70 -11.38 -2.35
C VAL B 104 18.40 -12.86 -2.11
N GLU B 105 19.41 -13.61 -1.68
CA GLU B 105 19.21 -15.03 -1.41
C GLU B 105 19.04 -15.24 0.09
N ILE B 106 17.97 -15.92 0.50
CA ILE B 106 17.67 -16.06 1.91
C ILE B 106 17.40 -17.53 2.22
N GLY B 107 18.05 -18.03 3.27
CA GLY B 107 17.85 -19.41 3.72
C GLY B 107 16.55 -19.56 4.46
N GLU B 108 16.16 -20.81 4.72
CA GLU B 108 14.88 -21.13 5.36
C GLU B 108 14.77 -20.54 6.76
N GLY B 109 13.53 -20.38 7.23
CA GLY B 109 13.29 -19.94 8.59
C GLY B 109 13.56 -18.47 8.87
N SER B 110 13.59 -17.64 7.82
CA SER B 110 13.80 -16.21 8.03
C SER B 110 12.58 -15.55 8.69
N LEU B 111 12.84 -14.48 9.44
CA LEU B 111 11.82 -13.70 10.12
C LEU B 111 12.13 -12.19 9.98
N LEU B 112 11.32 -11.48 9.20
CA LEU B 112 11.55 -10.09 8.90
C LEU B 112 10.37 -9.27 9.40
N CYS B 113 10.60 -8.50 10.45
CA CYS B 113 9.53 -7.78 11.12
C CYS B 113 9.24 -6.46 10.38
N PRO B 114 8.25 -5.70 10.85
CA PRO B 114 7.90 -4.45 10.16
C PRO B 114 9.05 -3.46 9.97
N PHE B 115 8.98 -2.73 8.85
CA PHE B 115 9.96 -1.71 8.48
C PHE B 115 11.38 -2.26 8.27
N THR B 116 11.50 -3.53 7.92
CA THR B 116 12.79 -4.10 7.58
C THR B 116 13.12 -3.91 6.09
N CYS B 117 14.40 -3.85 5.78
CA CYS B 117 14.85 -3.63 4.42
C CYS B 117 16.09 -4.46 4.09
N LEU B 118 16.03 -5.21 2.99
CA LEU B 118 17.19 -5.89 2.43
C LEU B 118 17.38 -5.30 1.05
N THR B 119 18.57 -4.79 0.73
CA THR B 119 18.74 -4.13 -0.57
C THR B 119 19.10 -5.09 -1.71
N SER B 120 20.33 -5.04 -2.22
CA SER B 120 20.68 -5.82 -3.40
C SER B 120 21.94 -6.67 -3.24
N ASN B 121 21.94 -7.85 -3.86
CA ASN B 121 23.13 -8.68 -3.91
C ASN B 121 23.57 -9.12 -2.52
N ILE B 122 22.69 -9.88 -1.88
CA ILE B 122 22.86 -10.24 -0.49
C ILE B 122 22.67 -11.73 -0.34
N LYS B 123 23.51 -12.35 0.47
CA LYS B 123 23.28 -13.75 0.79
C LYS B 123 23.08 -13.92 2.30
N ILE B 124 21.93 -14.46 2.67
CA ILE B 124 21.61 -14.68 4.07
C ILE B 124 21.38 -16.15 4.34
N GLY B 125 21.97 -16.65 5.41
CA GLY B 125 21.85 -18.05 5.77
C GLY B 125 20.50 -18.38 6.38
N LYS B 126 20.50 -19.39 7.23
CA LYS B 126 19.27 -19.96 7.77
C LYS B 126 18.89 -19.34 9.10
N PHE B 127 17.59 -19.29 9.35
CA PHE B 127 17.01 -18.81 10.61
C PHE B 127 17.49 -17.41 11.01
N PHE B 128 17.57 -16.55 10.01
CA PHE B 128 17.88 -15.14 10.19
C PHE B 128 16.68 -14.39 10.75
N HIS B 129 16.91 -13.65 11.83
CA HIS B 129 15.88 -12.78 12.42
C HIS B 129 16.27 -11.31 12.30
N ALA B 130 15.42 -10.54 11.65
CA ALA B 130 15.61 -9.09 11.53
C ALA B 130 14.41 -8.41 12.18
N ASN B 131 14.63 -7.83 13.35
CA ASN B 131 13.55 -7.13 14.03
C ASN B 131 13.26 -5.75 13.43
N ILE B 132 12.25 -5.07 13.96
CA ILE B 132 11.74 -3.84 13.35
C ILE B 132 12.81 -2.79 13.04
N TYR B 133 12.69 -2.19 11.86
CA TYR B 133 13.62 -1.18 11.36
C TYR B 133 15.04 -1.63 11.05
N SER B 134 15.35 -2.91 11.18
CA SER B 134 16.71 -3.34 10.86
C SER B 134 16.88 -3.48 9.34
N TYR B 135 18.11 -3.36 8.85
CA TYR B 135 18.34 -3.52 7.41
C TYR B 135 19.68 -4.17 7.08
N VAL B 136 19.74 -4.75 5.89
CA VAL B 136 21.00 -5.26 5.33
C VAL B 136 21.22 -4.58 3.99
N ALA B 137 22.37 -3.95 3.83
CA ALA B 137 22.68 -3.22 2.59
C ALA B 137 23.47 -4.08 1.60
N HIS B 138 23.93 -3.46 0.51
CA HIS B 138 24.46 -4.21 -0.62
C HIS B 138 25.65 -5.10 -0.31
N ASP B 139 25.74 -6.22 -1.01
CA ASP B 139 26.95 -7.04 -1.02
C ASP B 139 27.36 -7.54 0.36
N CYS B 140 26.37 -7.91 1.17
CA CYS B 140 26.65 -8.49 2.46
C CYS B 140 26.45 -9.99 2.41
N VAL B 141 27.14 -10.70 3.31
CA VAL B 141 26.95 -12.12 3.50
C VAL B 141 26.67 -12.36 4.96
N ILE B 142 25.54 -12.98 5.24
CA ILE B 142 25.12 -13.25 6.59
C ILE B 142 24.99 -14.77 6.79
N GLY B 143 25.62 -15.29 7.85
CA GLY B 143 25.62 -16.73 8.08
C GLY B 143 24.31 -17.20 8.70
N ASP B 144 24.39 -18.33 9.40
CA ASP B 144 23.23 -18.95 10.03
C ASP B 144 23.01 -18.49 11.45
N TYR B 145 21.73 -18.47 11.86
CA TYR B 145 21.38 -18.15 13.23
C TYR B 145 21.84 -16.75 13.64
N VAL B 146 21.85 -15.83 12.68
CA VAL B 146 22.19 -14.44 12.99
C VAL B 146 20.94 -13.68 13.44
N THR B 147 21.11 -12.71 14.33
CA THR B 147 19.97 -12.01 14.89
C THR B 147 20.21 -10.50 14.90
N PHE B 148 19.28 -9.73 14.31
CA PHE B 148 19.34 -8.27 14.32
C PHE B 148 18.27 -7.76 15.27
N ALA B 149 18.67 -7.02 16.30
CA ALA B 149 17.72 -6.39 17.20
C ALA B 149 17.09 -5.21 16.46
N PRO B 150 16.05 -4.59 17.04
CA PRO B 150 15.43 -3.48 16.31
C PRO B 150 16.41 -2.36 15.98
N GLY B 151 16.32 -1.82 14.76
CA GLY B 151 17.15 -0.71 14.33
C GLY B 151 18.62 -1.03 14.05
N ALA B 152 18.98 -2.32 14.02
CA ALA B 152 20.36 -2.67 13.71
C ALA B 152 20.64 -2.29 12.27
N LYS B 153 21.78 -1.66 12.01
CA LYS B 153 22.08 -1.16 10.68
C LYS B 153 23.33 -1.80 10.11
N CYS B 154 23.12 -2.72 9.17
CA CYS B 154 24.22 -3.42 8.54
C CYS B 154 24.45 -2.83 7.16
N ASN B 155 25.51 -2.04 7.02
CA ASN B 155 25.81 -1.43 5.74
C ASN B 155 26.53 -2.34 4.75
N GLY B 156 26.99 -1.79 3.64
CA GLY B 156 27.47 -2.63 2.54
C GLY B 156 28.77 -3.36 2.79
N ASN B 157 28.96 -4.47 2.07
CA ASN B 157 30.23 -5.20 2.14
C ASN B 157 30.60 -5.62 3.54
N ILE B 158 29.62 -6.12 4.26
CA ILE B 158 29.85 -6.67 5.58
C ILE B 158 29.59 -8.17 5.57
N HIS B 159 30.45 -8.93 6.23
CA HIS B 159 30.21 -10.35 6.42
C HIS B 159 29.93 -10.65 7.88
N ILE B 160 28.76 -11.17 8.16
CA ILE B 160 28.37 -11.48 9.53
C ILE B 160 28.27 -12.98 9.67
N GLU B 161 29.12 -13.54 10.52
CA GLU B 161 29.24 -14.99 10.63
C GLU B 161 28.21 -15.60 11.58
N ASP B 162 28.16 -16.92 11.64
CA ASP B 162 27.12 -17.64 12.38
C ASP B 162 26.95 -17.13 13.80
N HIS B 163 25.70 -17.10 14.26
CA HIS B 163 25.38 -16.81 15.66
C HIS B 163 25.72 -15.41 16.18
N ALA B 164 26.18 -14.53 15.30
CA ALA B 164 26.40 -13.15 15.71
C ALA B 164 25.07 -12.50 16.15
N TYR B 165 25.16 -11.53 17.06
CA TYR B 165 23.99 -10.78 17.50
C TYR B 165 24.27 -9.29 17.34
N ILE B 166 23.39 -8.59 16.63
CA ILE B 166 23.58 -7.14 16.42
C ILE B 166 22.52 -6.39 17.21
N GLY B 167 22.97 -5.64 18.21
CA GLY B 167 22.07 -5.05 19.20
C GLY B 167 21.27 -3.88 18.70
N THR B 168 20.30 -3.46 19.51
CA THR B 168 19.35 -2.40 19.12
C THR B 168 20.05 -1.11 18.76
N GLY B 169 19.67 -0.53 17.63
CA GLY B 169 20.19 0.75 17.21
C GLY B 169 21.68 0.72 16.86
N ALA B 170 22.27 -0.46 16.81
CA ALA B 170 23.71 -0.52 16.50
C ALA B 170 23.95 -0.21 15.03
N VAL B 171 25.12 0.34 14.73
CA VAL B 171 25.44 0.72 13.37
C VAL B 171 26.80 0.18 12.96
N ILE B 172 26.87 -0.46 11.80
CA ILE B 172 28.13 -1.04 11.33
C ILE B 172 28.63 -0.38 10.07
N LYS B 173 29.85 0.15 10.14
CA LYS B 173 30.50 0.75 8.97
C LYS B 173 30.58 -0.22 7.80
N GLN B 174 30.47 0.31 6.58
CA GLN B 174 30.62 -0.51 5.39
C GLN B 174 32.06 -0.95 5.21
N GLY B 175 32.24 -2.12 4.61
CA GLY B 175 33.55 -2.55 4.17
C GLY B 175 33.74 -2.09 2.74
N THR B 176 34.61 -2.78 2.02
CA THR B 176 34.80 -2.54 0.61
C THR B 176 34.80 -3.90 -0.06
N PRO B 177 34.78 -3.93 -1.40
CA PRO B 177 34.81 -5.23 -2.07
C PRO B 177 36.07 -6.04 -1.76
N ASP B 178 37.23 -5.38 -1.69
CA ASP B 178 38.48 -6.10 -1.38
C ASP B 178 38.60 -6.47 0.10
N LYS B 179 38.07 -5.62 0.97
CA LYS B 179 38.14 -5.89 2.39
C LYS B 179 36.81 -5.69 3.07
N PRO B 180 36.00 -6.75 3.13
CA PRO B 180 34.75 -6.71 3.89
C PRO B 180 35.02 -6.44 5.36
N LEU B 181 34.08 -5.77 6.01
CA LEU B 181 34.13 -5.68 7.46
C LEU B 181 33.50 -6.96 7.97
N ILE B 182 34.13 -7.58 8.96
CA ILE B 182 33.69 -8.90 9.40
C ILE B 182 33.20 -8.92 10.83
N ILE B 183 32.01 -9.44 11.06
CA ILE B 183 31.53 -9.68 12.41
C ILE B 183 31.66 -11.17 12.69
N GLY B 184 32.56 -11.51 13.62
CA GLY B 184 32.95 -12.90 13.83
C GLY B 184 31.91 -13.78 14.47
N LYS B 185 32.07 -15.09 14.31
CA LYS B 185 31.14 -16.05 14.87
C LYS B 185 30.80 -15.75 16.33
N GLY B 186 29.52 -15.68 16.65
CA GLY B 186 29.08 -15.51 18.01
C GLY B 186 29.43 -14.18 18.66
N ALA B 187 29.99 -13.25 17.88
CA ALA B 187 30.24 -11.90 18.36
C ALA B 187 28.95 -11.23 18.80
N ILE B 188 29.06 -10.29 19.72
CA ILE B 188 27.91 -9.53 20.18
C ILE B 188 28.18 -8.06 20.00
N VAL B 189 27.43 -7.41 19.13
CA VAL B 189 27.52 -5.97 18.98
C VAL B 189 26.47 -5.36 19.88
N GLY B 190 26.92 -4.69 20.94
CA GLY B 190 25.99 -4.20 21.94
C GLY B 190 25.10 -3.08 21.43
N MET B 191 23.96 -2.89 22.07
CA MET B 191 23.02 -1.87 21.62
C MET B 191 23.68 -0.50 21.53
N GLY B 192 23.31 0.25 20.49
CA GLY B 192 23.83 1.59 20.32
C GLY B 192 25.29 1.61 19.94
N ALA B 193 25.91 0.46 19.72
CA ALA B 193 27.33 0.47 19.38
C ALA B 193 27.56 1.06 18.00
N VAL B 194 28.70 1.71 17.82
CA VAL B 194 29.10 2.24 16.53
C VAL B 194 30.36 1.52 16.07
N VAL B 195 30.18 0.52 15.21
CA VAL B 195 31.25 -0.39 14.84
C VAL B 195 31.99 0.09 13.60
N THR B 196 33.29 0.38 13.76
CA THR B 196 34.08 0.96 12.67
C THR B 196 35.15 0.03 12.12
N LYS B 197 35.23 -1.17 12.67
CA LYS B 197 36.23 -2.12 12.24
C LYS B 197 35.74 -3.52 12.59
N SER B 198 36.34 -4.54 11.99
CA SER B 198 35.91 -5.92 12.21
C SER B 198 35.89 -6.30 13.68
N VAL B 199 34.97 -7.19 14.04
CA VAL B 199 34.81 -7.67 15.40
C VAL B 199 35.17 -9.15 15.48
N PRO B 200 36.18 -9.50 16.31
CA PRO B 200 36.63 -10.89 16.43
C PRO B 200 35.54 -11.80 16.96
N ALA B 201 35.65 -13.09 16.67
CA ALA B 201 34.67 -14.07 17.14
C ALA B 201 34.51 -14.08 18.66
N GLY B 202 33.29 -14.32 19.13
CA GLY B 202 33.04 -14.55 20.55
C GLY B 202 33.27 -13.36 21.46
N VAL B 203 33.48 -12.18 20.88
CA VAL B 203 33.74 -10.96 21.64
C VAL B 203 32.50 -10.05 21.69
N THR B 204 32.38 -9.24 22.74
CA THR B 204 31.32 -8.22 22.81
C THR B 204 31.93 -6.84 22.64
N VAL B 205 31.32 -6.01 21.79
CA VAL B 205 31.76 -4.60 21.69
C VAL B 205 30.61 -3.66 22.00
N VAL B 206 30.96 -2.53 22.62
CA VAL B 206 29.97 -1.56 23.02
C VAL B 206 30.54 -0.15 22.82
N GLY B 207 29.64 0.82 22.73
CA GLY B 207 30.04 2.21 22.71
C GLY B 207 30.27 2.83 21.35
N ASN B 208 30.58 4.11 21.37
CA ASN B 208 30.86 4.89 20.19
C ASN B 208 32.15 5.67 20.41
N PRO B 209 33.26 5.24 19.78
CA PRO B 209 33.36 4.07 18.90
C PRO B 209 33.29 2.76 19.67
N ALA B 210 32.90 1.69 18.98
CA ALA B 210 32.75 0.40 19.63
C ALA B 210 34.11 -0.08 20.13
N ARG B 211 34.14 -0.62 21.33
CA ARG B 211 35.37 -1.16 21.90
C ARG B 211 35.03 -2.45 22.59
N ILE B 212 36.00 -3.36 22.66
CA ILE B 212 35.80 -4.63 23.34
C ILE B 212 35.39 -4.39 24.80
N LEU B 213 34.38 -5.12 25.26
CA LEU B 213 33.82 -4.89 26.58
C LEU B 213 34.65 -5.60 27.64
N MET C 1 14.85 2.01 -28.49
CA MET C 1 15.63 3.18 -28.89
C MET C 1 14.81 4.47 -28.79
N THR C 2 13.63 4.38 -28.19
CA THR C 2 12.88 5.60 -27.89
C THR C 2 13.52 6.29 -26.67
N MET C 3 14.00 5.49 -25.72
CA MET C 3 14.58 6.03 -24.48
C MET C 3 15.55 5.02 -23.86
N ILE C 4 16.72 5.49 -23.44
CA ILE C 4 17.62 4.65 -22.66
C ILE C 4 17.87 5.29 -21.30
N ILE C 5 17.93 4.46 -20.26
CA ILE C 5 18.14 4.95 -18.90
C ILE C 5 19.44 4.39 -18.33
N GLY C 6 20.25 5.29 -17.78
CA GLY C 6 21.52 4.90 -17.20
C GLY C 6 21.59 5.16 -15.71
N VAL C 7 22.14 4.20 -14.99
CA VAL C 7 22.46 4.38 -13.60
C VAL C 7 23.97 4.55 -13.53
N TYR C 8 24.42 5.77 -13.26
CA TYR C 8 25.84 6.09 -13.30
C TYR C 8 26.48 5.65 -11.98
N GLY C 9 27.27 4.58 -12.06
CA GLY C 9 27.93 3.98 -10.90
C GLY C 9 27.53 2.51 -10.78
N ALA C 10 28.39 1.61 -11.26
CA ALA C 10 28.04 0.19 -11.21
C ALA C 10 28.31 -0.41 -9.83
N SER C 11 29.40 0.02 -9.21
CA SER C 11 29.68 -0.44 -7.86
C SER C 11 28.83 0.33 -6.84
N GLY C 12 28.68 -0.28 -5.68
CA GLY C 12 28.11 0.40 -4.53
C GLY C 12 26.60 0.50 -4.56
N PHE C 13 26.12 1.74 -4.44
CA PHE C 13 24.69 1.98 -4.35
C PHE C 13 23.99 1.81 -5.69
N GLY C 14 24.76 1.66 -6.76
CA GLY C 14 24.18 1.51 -8.09
C GLY C 14 23.25 0.32 -8.13
N LYS C 15 23.69 -0.79 -7.57
CA LYS C 15 22.89 -2.01 -7.51
C LYS C 15 21.61 -1.86 -6.69
N GLU C 16 21.61 -0.90 -5.77
CA GLU C 16 20.42 -0.57 -5.00
C GLU C 16 19.51 0.38 -5.80
N VAL C 17 20.13 1.28 -6.57
CA VAL C 17 19.37 2.29 -7.31
C VAL C 17 18.65 1.72 -8.55
N MET C 18 19.27 0.74 -9.21
CA MET C 18 18.71 0.16 -10.44
C MET C 18 17.26 -0.35 -10.27
N PRO C 19 17.00 -1.17 -9.24
CA PRO C 19 15.61 -1.66 -9.06
C PRO C 19 14.62 -0.53 -8.78
N LEU C 20 15.05 0.54 -8.13
CA LEU C 20 14.19 1.70 -7.87
C LEU C 20 13.85 2.40 -9.17
N VAL C 21 14.84 2.50 -10.05
CA VAL C 21 14.59 3.11 -11.35
C VAL C 21 13.68 2.20 -12.20
N ARG C 22 13.88 0.89 -12.12
CA ARG C 22 13.00 -0.05 -12.83
C ARG C 22 11.54 0.18 -12.42
N GLN C 23 11.33 0.42 -11.13
CA GLN C 23 9.97 0.64 -10.61
C GLN C 23 9.40 2.00 -10.99
N GLN C 24 10.28 2.99 -11.21
CA GLN C 24 9.84 4.30 -11.67
C GLN C 24 9.28 4.23 -13.07
N PHE C 25 9.84 3.33 -13.86
CA PHE C 25 9.52 3.22 -15.29
C PHE C 25 9.19 1.80 -15.68
N PRO C 26 8.11 1.27 -15.07
CA PRO C 26 7.75 -0.13 -15.22
C PRO C 26 7.41 -0.55 -16.65
N THR C 27 7.09 0.38 -17.54
CA THR C 27 6.73 -0.02 -18.91
C THR C 27 7.95 -0.10 -19.84
N LEU C 28 9.11 0.36 -19.37
CA LEU C 28 10.33 0.19 -20.16
C LEU C 28 10.84 -1.23 -19.98
N SER C 29 11.33 -1.83 -21.06
CA SER C 29 11.90 -3.17 -21.00
C SER C 29 13.31 -3.15 -20.39
N LYS C 30 13.75 -4.29 -19.90
CA LYS C 30 15.04 -4.37 -19.25
C LYS C 30 16.16 -3.87 -20.17
N GLU C 31 16.03 -4.12 -21.47
CA GLU C 31 17.07 -3.75 -22.41
C GLU C 31 17.21 -2.24 -22.60
N GLN C 32 16.28 -1.47 -22.06
CA GLN C 32 16.42 -0.03 -22.10
C GLN C 32 17.22 0.52 -20.91
N PHE C 33 17.76 -0.36 -20.07
CA PHE C 33 18.50 0.07 -18.87
C PHE C 33 19.96 -0.38 -18.90
N ALA C 34 20.85 0.48 -18.43
CA ALA C 34 22.25 0.13 -18.30
C ALA C 34 22.92 0.82 -17.11
N PHE C 35 23.98 0.21 -16.61
CA PHE C 35 24.87 0.87 -15.67
C PHE C 35 25.90 1.61 -16.50
N ILE C 36 26.27 2.81 -16.07
CA ILE C 36 27.38 3.49 -16.68
C ILE C 36 28.55 3.45 -15.70
N ASP C 37 29.69 2.96 -16.13
CA ASP C 37 30.85 2.90 -15.27
C ASP C 37 32.11 2.76 -16.09
N ASP C 38 32.87 3.85 -16.20
CA ASP C 38 34.18 3.78 -16.83
C ASP C 38 35.10 3.04 -15.88
N GLY C 39 35.35 1.78 -16.15
CA GLY C 39 36.15 0.97 -15.25
C GLY C 39 35.61 -0.44 -15.19
N LEU C 40 34.32 -0.56 -14.90
CA LEU C 40 33.63 -1.84 -15.00
C LEU C 40 33.06 -1.97 -16.42
N SER C 41 33.45 -1.01 -17.26
CA SER C 41 33.10 -1.01 -18.67
C SER C 41 33.25 -2.39 -19.30
N GLY C 42 32.29 -2.78 -20.12
CA GLY C 42 32.38 -4.01 -20.86
C GLY C 42 31.78 -5.22 -20.17
N THR C 43 31.60 -5.14 -18.85
CA THR C 43 31.08 -6.28 -18.09
C THR C 43 29.55 -6.27 -18.02
N THR C 44 28.97 -7.25 -17.34
CA THR C 44 27.55 -7.20 -16.99
C THR C 44 27.35 -7.32 -15.49
N LEU C 45 26.24 -6.76 -15.01
CA LEU C 45 25.97 -6.69 -13.57
C LEU C 45 24.48 -6.89 -13.33
N ASN C 46 24.12 -7.96 -12.63
CA ASN C 46 22.72 -8.28 -12.40
C ASN C 46 21.92 -8.35 -13.70
N GLY C 47 22.57 -8.79 -14.76
CA GLY C 47 21.90 -8.95 -16.05
C GLY C 47 21.90 -7.72 -16.94
N TYR C 48 22.38 -6.59 -16.41
CA TYR C 48 22.44 -5.35 -17.18
C TYR C 48 23.84 -5.15 -17.74
N PRO C 49 23.94 -4.55 -18.92
CA PRO C 49 25.26 -4.19 -19.46
C PRO C 49 25.87 -3.03 -18.68
N VAL C 50 27.20 -3.05 -18.53
CA VAL C 50 27.90 -1.91 -17.94
C VAL C 50 28.66 -1.15 -19.03
N LEU C 51 28.22 0.07 -19.30
CA LEU C 51 28.78 0.84 -20.41
C LEU C 51 29.73 1.93 -19.96
N SER C 52 30.73 2.23 -20.79
CA SER C 52 31.52 3.43 -20.58
C SER C 52 30.61 4.61 -20.92
N TYR C 53 30.95 5.80 -20.44
CA TYR C 53 30.13 6.95 -20.71
C TYR C 53 30.05 7.22 -22.20
N LEU C 54 31.13 6.92 -22.92
CA LEU C 54 31.17 7.18 -24.36
C LEU C 54 30.22 6.24 -25.09
N ASP C 55 30.25 4.96 -24.72
CA ASP C 55 29.36 3.98 -25.34
C ASP C 55 27.91 4.29 -25.03
N PHE C 56 27.66 4.84 -23.84
CA PHE C 56 26.30 5.17 -23.46
C PHE C 56 25.80 6.32 -24.32
N ILE C 57 26.58 7.40 -24.37
CA ILE C 57 26.20 8.57 -25.14
C ILE C 57 26.05 8.24 -26.62
N SER C 58 26.86 7.30 -27.10
CA SER C 58 26.89 6.98 -28.52
C SER C 58 25.74 6.07 -28.94
N LYS C 59 25.04 5.50 -27.96
CA LYS C 59 23.93 4.60 -28.29
C LYS C 59 22.89 5.35 -29.11
N PRO C 60 22.28 4.66 -30.07
CA PRO C 60 21.17 5.27 -30.80
C PRO C 60 19.95 5.34 -29.88
N ALA C 61 19.45 6.53 -29.63
CA ALA C 61 18.26 6.69 -28.81
C ALA C 61 17.75 8.12 -28.92
N ASP C 62 16.45 8.26 -29.04
CA ASP C 62 15.86 9.57 -29.22
C ASP C 62 16.04 10.41 -27.96
N HIS C 63 16.04 9.73 -26.81
CA HIS C 63 16.12 10.41 -25.52
C HIS C 63 16.93 9.57 -24.54
N LYS C 64 17.77 10.24 -23.75
CA LYS C 64 18.55 9.55 -22.75
C LYS C 64 18.36 10.22 -21.40
N ALA C 65 18.25 9.43 -20.34
CA ALA C 65 18.17 9.96 -18.98
C ALA C 65 19.05 9.14 -18.03
N VAL C 66 19.61 9.81 -17.03
CA VAL C 66 20.55 9.17 -16.12
C VAL C 66 20.29 9.54 -14.67
N THR C 67 20.38 8.55 -13.79
CA THR C 67 20.42 8.81 -12.37
C THR C 67 21.85 8.52 -11.88
N ILE C 68 22.42 9.47 -11.16
CA ILE C 68 23.80 9.33 -10.68
C ILE C 68 23.83 8.72 -9.29
N ALA C 69 24.23 7.46 -9.21
CA ALA C 69 24.23 6.75 -7.94
C ALA C 69 25.47 7.04 -7.08
N ILE C 70 26.41 7.78 -7.64
CA ILE C 70 27.69 8.06 -7.00
C ILE C 70 27.55 8.92 -5.75
N ALA C 71 27.99 8.40 -4.61
CA ALA C 71 27.83 9.10 -3.34
C ALA C 71 28.74 10.33 -3.19
N ASN C 72 29.99 10.22 -3.61
CA ASN C 72 30.90 11.36 -3.48
C ASN C 72 30.36 12.59 -4.17
N SER C 73 30.22 13.68 -3.42
CA SER C 73 29.49 14.84 -3.90
C SER C 73 30.25 15.60 -4.99
N VAL C 74 31.57 15.59 -4.88
CA VAL C 74 32.42 16.28 -5.84
C VAL C 74 32.38 15.55 -7.18
N VAL C 75 32.43 14.23 -7.14
CA VAL C 75 32.36 13.44 -8.35
C VAL C 75 30.96 13.59 -8.97
N ARG C 76 29.93 13.60 -8.11
CA ARG C 76 28.56 13.78 -8.58
C ARG C 76 28.49 15.07 -9.38
N GLU C 77 28.96 16.17 -8.79
CA GLU C 77 28.94 17.45 -9.51
C GLU C 77 29.68 17.39 -10.84
N LYS C 78 30.81 16.67 -10.87
CA LYS C 78 31.56 16.52 -12.11
C LYS C 78 30.78 15.75 -13.18
N LEU C 79 30.17 14.63 -12.79
CA LEU C 79 29.39 13.83 -13.73
C LEU C 79 28.20 14.61 -14.28
N VAL C 80 27.58 15.43 -13.44
CA VAL C 80 26.46 16.27 -13.82
C VAL C 80 26.84 17.22 -14.96
N SER C 81 28.01 17.84 -14.84
CA SER C 81 28.47 18.77 -15.86
C SER C 81 28.62 18.03 -17.18
N LEU C 82 29.17 16.82 -17.11
CA LEU C 82 29.32 15.96 -18.27
C LEU C 82 27.98 15.67 -18.93
N LEU C 83 27.03 15.16 -18.15
CA LEU C 83 25.69 14.84 -18.66
C LEU C 83 25.07 16.04 -19.36
N GLU C 84 25.24 17.22 -18.80
CA GLU C 84 24.61 18.41 -19.36
C GLU C 84 25.27 18.87 -20.67
N LYS C 85 26.58 18.66 -20.78
CA LYS C 85 27.27 18.93 -22.03
C LYS C 85 26.63 18.11 -23.16
N ASP C 86 26.31 16.85 -22.85
CA ASP C 86 25.70 15.95 -23.83
C ASP C 86 24.17 16.01 -23.86
N GLY C 87 23.58 16.97 -23.17
CA GLY C 87 22.14 17.15 -23.14
C GLY C 87 21.33 15.99 -22.59
N VAL C 88 21.94 15.15 -21.76
CA VAL C 88 21.24 14.03 -21.12
C VAL C 88 20.37 14.52 -19.96
N GLN C 89 19.19 13.92 -19.83
CA GLN C 89 18.22 14.28 -18.79
C GLN C 89 18.61 13.73 -17.44
N HIS C 90 18.37 14.50 -16.38
CA HIS C 90 18.55 14.00 -15.02
C HIS C 90 17.26 13.35 -14.50
N LEU C 91 17.35 12.09 -14.15
CA LEU C 91 16.20 11.36 -13.61
C LEU C 91 16.03 11.64 -12.13
N ALA C 92 14.81 11.90 -11.71
CA ALA C 92 14.51 11.96 -10.29
C ALA C 92 14.02 10.57 -9.88
N VAL C 93 14.57 10.04 -8.79
CA VAL C 93 14.19 8.71 -8.33
C VAL C 93 13.69 8.74 -6.89
N GLN C 94 12.57 8.08 -6.63
CA GLN C 94 12.11 7.94 -5.26
C GLN C 94 11.63 6.51 -5.08
N SER C 95 11.30 6.14 -3.86
CA SER C 95 10.87 4.79 -3.59
C SER C 95 9.37 4.76 -3.39
N THR C 96 8.78 3.60 -3.60
CA THR C 96 7.33 3.44 -3.46
C THR C 96 6.86 3.88 -2.08
N ASN C 97 7.61 3.52 -1.04
CA ASN C 97 7.21 3.82 0.33
C ASN C 97 7.75 5.15 0.89
N THR C 98 8.34 5.99 0.04
CA THR C 98 8.78 7.31 0.47
C THR C 98 7.59 8.18 0.86
N VAL C 99 7.74 8.94 1.93
CA VAL C 99 6.70 9.85 2.38
C VAL C 99 7.15 11.31 2.25
N ILE C 100 6.37 12.11 1.54
CA ILE C 100 6.62 13.55 1.39
C ILE C 100 5.36 14.32 1.77
N LEU C 101 5.46 15.26 2.70
CA LEU C 101 4.29 16.01 3.17
C LEU C 101 4.08 17.34 2.43
N ASP C 102 3.77 18.42 3.16
CA ASP C 102 3.36 19.69 2.55
C ASP C 102 4.51 20.64 2.19
N GLU C 103 4.36 21.35 1.08
CA GLU C 103 5.30 22.42 0.73
C GLU C 103 6.75 21.94 0.74
N VAL C 104 7.02 20.86 0.01
CA VAL C 104 8.39 20.37 -0.14
C VAL C 104 8.88 20.67 -1.56
N GLU C 105 9.90 21.52 -1.68
CA GLU C 105 10.47 21.84 -2.99
C GLU C 105 11.78 21.09 -3.13
N ILE C 106 11.93 20.36 -4.22
CA ILE C 106 13.10 19.53 -4.41
C ILE C 106 13.73 19.80 -5.77
N GLY C 107 15.03 20.11 -5.78
CA GLY C 107 15.72 20.35 -7.04
C GLY C 107 15.86 19.09 -7.86
N GLU C 108 16.32 19.23 -9.10
CA GLU C 108 16.49 18.07 -9.98
C GLU C 108 17.48 17.06 -9.44
N GLY C 109 17.44 15.85 -9.98
CA GLY C 109 18.43 14.84 -9.69
C GLY C 109 18.30 14.22 -8.32
N SER C 110 17.16 14.41 -7.67
CA SER C 110 16.97 13.82 -6.35
C SER C 110 16.96 12.29 -6.40
N LEU C 111 17.35 11.67 -5.30
CA LEU C 111 17.34 10.22 -5.21
C LEU C 111 16.95 9.88 -3.78
N LEU C 112 15.74 9.33 -3.62
CA LEU C 112 15.20 9.03 -2.30
C LEU C 112 14.94 7.52 -2.17
N CYS C 113 15.71 6.88 -1.31
CA CYS C 113 15.68 5.44 -1.19
C CYS C 113 14.55 4.97 -0.27
N PRO C 114 14.37 3.66 -0.13
CA PRO C 114 13.27 3.15 0.68
C PRO C 114 13.25 3.66 2.13
N PHE C 115 12.02 3.83 2.64
CA PHE C 115 11.77 4.29 4.02
C PHE C 115 12.27 5.72 4.29
N THR C 116 12.36 6.54 3.26
CA THR C 116 12.71 7.95 3.44
C THR C 116 11.49 8.82 3.70
N CYS C 117 11.72 9.90 4.44
CA CYS C 117 10.64 10.82 4.79
C CYS C 117 11.10 12.27 4.70
N LEU C 118 10.32 13.10 4.01
CA LEU C 118 10.48 14.54 4.03
C LEU C 118 9.15 15.10 4.55
N THR C 119 9.17 15.87 5.64
CA THR C 119 7.90 16.30 6.23
C THR C 119 7.33 17.55 5.53
N SER C 120 7.32 18.70 6.21
CA SER C 120 6.69 19.90 5.62
C SER C 120 7.58 21.12 5.59
N ASN C 121 7.40 21.93 4.54
CA ASN C 121 8.06 23.24 4.45
C ASN C 121 9.57 23.12 4.39
N ILE C 122 10.03 22.55 3.29
CA ILE C 122 11.39 22.15 3.14
C ILE C 122 11.87 22.55 1.77
N LYS C 123 13.07 23.12 1.68
CA LYS C 123 13.67 23.40 0.40
C LYS C 123 14.93 22.59 0.24
N ILE C 124 14.98 21.75 -0.79
CA ILE C 124 16.14 20.93 -1.07
C ILE C 124 16.73 21.27 -2.43
N GLY C 125 18.05 21.43 -2.50
CA GLY C 125 18.71 21.77 -3.75
C GLY C 125 18.83 20.63 -4.75
N LYS C 126 19.84 20.70 -5.60
CA LYS C 126 20.01 19.72 -6.68
C LYS C 126 20.86 18.52 -6.27
N PHE C 127 20.52 17.37 -6.85
CA PHE C 127 21.29 16.15 -6.70
C PHE C 127 21.48 15.71 -5.26
N PHE C 128 20.38 15.85 -4.51
CA PHE C 128 20.27 15.38 -3.14
C PHE C 128 20.08 13.87 -3.13
N HIS C 129 20.86 13.19 -2.30
CA HIS C 129 20.72 11.75 -2.07
C HIS C 129 20.30 11.49 -0.63
N ALA C 130 19.25 10.72 -0.46
CA ALA C 130 18.80 10.35 0.86
C ALA C 130 18.69 8.84 0.85
N ASN C 131 19.65 8.18 1.51
CA ASN C 131 19.67 6.73 1.55
C ASN C 131 18.61 6.22 2.55
N ILE C 132 18.53 4.90 2.70
CA ILE C 132 17.41 4.29 3.40
C ILE C 132 17.22 4.76 4.85
N TYR C 133 15.96 4.97 5.22
CA TYR C 133 15.57 5.45 6.55
C TYR C 133 15.99 6.88 6.92
N SER C 134 16.62 7.62 6.02
CA SER C 134 17.01 8.99 6.36
C SER C 134 15.79 9.92 6.18
N TYR C 135 15.81 11.06 6.85
CA TYR C 135 14.70 12.00 6.77
C TYR C 135 15.10 13.46 6.92
N VAL C 136 14.24 14.32 6.41
CA VAL C 136 14.37 15.76 6.62
C VAL C 136 13.05 16.28 7.19
N ALA C 137 13.12 16.95 8.33
CA ALA C 137 11.93 17.43 9.02
C ALA C 137 11.63 18.90 8.70
N HIS C 138 10.72 19.50 9.45
CA HIS C 138 10.13 20.78 9.06
C HIS C 138 11.08 21.96 8.97
N ASP C 139 10.84 22.82 7.99
CA ASP C 139 11.53 24.09 7.92
C ASP C 139 13.03 23.94 7.76
N CYS C 140 13.44 22.91 7.00
CA CYS C 140 14.85 22.75 6.72
C CYS C 140 15.19 23.33 5.37
N VAL C 141 16.44 23.70 5.19
CA VAL C 141 16.91 24.13 3.90
C VAL C 141 18.17 23.36 3.58
N ILE C 142 18.15 22.60 2.48
CA ILE C 142 19.25 21.76 2.09
C ILE C 142 19.83 22.27 0.77
N GLY C 143 21.15 22.41 0.70
CA GLY C 143 21.82 22.91 -0.48
C GLY C 143 21.99 21.87 -1.57
N ASP C 144 22.95 22.12 -2.46
CA ASP C 144 23.18 21.23 -3.59
C ASP C 144 24.23 20.19 -3.27
N TYR C 145 24.09 19.03 -3.90
CA TYR C 145 25.03 17.93 -3.79
C TYR C 145 25.19 17.47 -2.35
N VAL C 146 24.08 17.46 -1.61
CA VAL C 146 24.06 16.94 -0.25
C VAL C 146 23.76 15.43 -0.24
N THR C 147 24.37 14.72 0.71
CA THR C 147 24.25 13.27 0.77
C THR C 147 23.91 12.85 2.19
N PHE C 148 22.77 12.17 2.36
CA PHE C 148 22.40 11.57 3.64
C PHE C 148 22.64 10.08 3.53
N ALA C 149 23.44 9.53 4.44
CA ALA C 149 23.64 8.09 4.52
C ALA C 149 22.43 7.46 5.18
N PRO C 150 22.36 6.12 5.22
CA PRO C 150 21.18 5.49 5.83
C PRO C 150 20.95 5.93 7.27
N GLY C 151 19.70 6.15 7.64
CA GLY C 151 19.37 6.49 9.01
C GLY C 151 19.83 7.86 9.47
N ALA C 152 20.28 8.72 8.55
CA ALA C 152 20.64 10.09 8.90
C ALA C 152 19.37 10.86 9.26
N LYS C 153 19.39 11.53 10.40
CA LYS C 153 18.20 12.18 10.95
C LYS C 153 18.36 13.69 11.06
N CYS C 154 17.73 14.40 10.13
CA CYS C 154 17.82 15.86 10.09
C CYS C 154 16.51 16.43 10.62
N ASN C 155 16.54 16.92 11.86
CA ASN C 155 15.37 17.46 12.51
C ASN C 155 15.04 18.88 12.09
N GLY C 156 14.10 19.53 12.77
CA GLY C 156 13.54 20.79 12.29
C GLY C 156 14.48 21.97 12.31
N ASN C 157 14.27 22.93 11.41
CA ASN C 157 15.03 24.19 11.43
C ASN C 157 16.54 24.00 11.30
N ILE C 158 16.93 23.12 10.40
CA ILE C 158 18.34 22.91 10.11
C ILE C 158 18.62 23.37 8.70
N HIS C 159 19.73 24.08 8.53
CA HIS C 159 20.17 24.47 7.20
C HIS C 159 21.46 23.72 6.92
N ILE C 160 21.47 22.93 5.85
CA ILE C 160 22.65 22.17 5.45
C ILE C 160 23.16 22.73 4.14
N GLU C 161 24.43 23.16 4.12
CA GLU C 161 25.00 23.84 2.96
C GLU C 161 25.51 22.86 1.92
N ASP C 162 25.97 23.38 0.79
CA ASP C 162 26.37 22.53 -0.33
C ASP C 162 27.43 21.52 0.09
N HIS C 163 27.35 20.34 -0.52
CA HIS C 163 28.40 19.33 -0.46
C HIS C 163 28.58 18.68 0.89
N ALA C 164 27.67 18.94 1.82
CA ALA C 164 27.74 18.29 3.12
C ALA C 164 27.35 16.80 3.06
N TYR C 165 27.84 16.04 4.03
CA TYR C 165 27.58 14.61 4.11
C TYR C 165 27.14 14.30 5.53
N ILE C 166 25.97 13.68 5.67
CA ILE C 166 25.47 13.31 7.00
C ILE C 166 25.51 11.78 7.11
N GLY C 167 26.36 11.27 7.99
CA GLY C 167 26.67 9.87 8.01
C GLY C 167 25.63 8.93 8.60
N THR C 168 25.90 7.63 8.48
CA THR C 168 24.93 6.60 8.84
C THR C 168 24.53 6.69 10.29
N GLY C 169 23.22 6.70 10.55
CA GLY C 169 22.72 6.72 11.90
C GLY C 169 22.96 8.02 12.64
N ALA C 170 23.55 9.02 11.98
CA ALA C 170 23.78 10.29 12.66
C ALA C 170 22.48 11.01 12.99
N VAL C 171 22.51 11.83 14.01
CA VAL C 171 21.33 12.59 14.37
C VAL C 171 21.67 14.07 14.62
N ILE C 172 20.82 14.97 14.15
CA ILE C 172 21.08 16.39 14.29
C ILE C 172 19.99 17.09 15.06
N LYS C 173 20.38 17.79 16.12
CA LYS C 173 19.44 18.51 16.96
C LYS C 173 18.69 19.59 16.16
N GLN C 174 17.42 19.79 16.46
CA GLN C 174 16.62 20.81 15.76
C GLN C 174 17.14 22.21 16.10
N GLY C 175 16.99 23.16 15.18
CA GLY C 175 17.28 24.54 15.49
C GLY C 175 16.00 25.24 15.89
N THR C 176 15.99 26.57 15.78
CA THR C 176 14.77 27.34 15.99
C THR C 176 14.58 28.26 14.78
N PRO C 177 13.38 28.82 14.62
CA PRO C 177 13.14 29.72 13.49
C PRO C 177 14.14 30.88 13.45
N ASP C 178 14.47 31.45 14.61
CA ASP C 178 15.42 32.56 14.70
C ASP C 178 16.87 32.07 14.58
N LYS C 179 17.13 30.86 15.06
CA LYS C 179 18.50 30.35 15.08
C LYS C 179 18.54 28.94 14.54
N PRO C 180 18.61 28.81 13.21
CA PRO C 180 18.74 27.49 12.63
C PRO C 180 20.07 26.86 13.04
N LEU C 181 20.11 25.54 13.21
CA LEU C 181 21.39 24.86 13.35
C LEU C 181 21.93 24.68 11.94
N ILE C 182 23.19 25.04 11.75
CA ILE C 182 23.77 25.06 10.41
C ILE C 182 24.78 23.94 10.28
N ILE C 183 24.72 23.20 9.17
CA ILE C 183 25.78 22.26 8.82
C ILE C 183 26.52 22.91 7.67
N GLY C 184 27.79 23.24 7.89
CA GLY C 184 28.54 24.08 6.97
C GLY C 184 28.92 23.41 5.67
N LYS C 185 29.23 24.25 4.68
CA LYS C 185 29.63 23.77 3.37
C LYS C 185 30.71 22.70 3.44
N GLY C 186 30.46 21.56 2.79
CA GLY C 186 31.42 20.47 2.75
C GLY C 186 31.71 19.77 4.07
N ALA C 187 30.97 20.14 5.12
CA ALA C 187 31.11 19.50 6.42
C ALA C 187 30.66 18.02 6.38
N ILE C 188 31.28 17.20 7.22
CA ILE C 188 31.04 15.76 7.23
C ILE C 188 30.63 15.37 8.65
N VAL C 189 29.40 14.86 8.77
CA VAL C 189 28.93 14.40 10.06
C VAL C 189 29.16 12.90 10.05
N GLY C 190 30.08 12.43 10.89
CA GLY C 190 30.45 11.02 10.83
C GLY C 190 29.34 10.11 11.32
N MET C 191 29.44 8.83 10.98
CA MET C 191 28.42 7.87 11.36
C MET C 191 28.26 7.84 12.88
N GLY C 192 27.01 7.73 13.32
CA GLY C 192 26.70 7.63 14.72
C GLY C 192 26.89 8.94 15.47
N ALA C 193 27.30 9.99 14.78
CA ALA C 193 27.50 11.28 15.46
C ALA C 193 26.19 11.88 15.97
N VAL C 194 26.27 12.54 17.12
CA VAL C 194 25.14 13.18 17.76
C VAL C 194 25.40 14.69 17.80
N VAL C 195 24.85 15.40 16.82
CA VAL C 195 25.21 16.80 16.60
C VAL C 195 24.30 17.71 17.39
N THR C 196 24.88 18.46 18.34
CA THR C 196 24.11 19.28 19.25
C THR C 196 24.23 20.76 18.95
N LYS C 197 25.06 21.11 17.99
CA LYS C 197 25.24 22.52 17.63
C LYS C 197 25.79 22.63 16.22
N SER C 198 25.79 23.85 15.68
CA SER C 198 26.20 24.06 14.30
C SER C 198 27.58 23.46 14.03
N VAL C 199 27.76 22.96 12.82
CA VAL C 199 29.02 22.35 12.43
C VAL C 199 29.69 23.28 11.42
N PRO C 200 30.94 23.69 11.69
CA PRO C 200 31.65 24.57 10.76
C PRO C 200 31.92 23.91 9.40
N ALA C 201 32.00 24.75 8.37
CA ALA C 201 32.33 24.30 7.02
C ALA C 201 33.59 23.44 6.99
N GLY C 202 33.54 22.36 6.21
CA GLY C 202 34.73 21.59 5.91
C GLY C 202 35.30 20.68 6.98
N VAL C 203 34.78 20.70 8.19
CA VAL C 203 35.27 19.78 9.23
C VAL C 203 34.57 18.41 9.21
N THR C 204 35.19 17.43 9.85
CA THR C 204 34.50 16.19 10.17
C THR C 204 34.18 16.19 11.66
N VAL C 205 32.93 15.90 12.02
CA VAL C 205 32.58 15.76 13.45
C VAL C 205 32.17 14.33 13.74
N VAL C 206 32.60 13.80 14.89
CA VAL C 206 32.27 12.43 15.28
C VAL C 206 31.95 12.36 16.76
N GLY C 207 31.32 11.27 17.18
CA GLY C 207 31.07 11.04 18.59
C GLY C 207 29.76 11.59 19.14
N ASN C 208 29.53 11.29 20.41
CA ASN C 208 28.35 11.69 21.17
C ASN C 208 28.78 12.33 22.49
N PRO C 209 28.72 13.67 22.58
CA PRO C 209 28.30 14.62 21.53
C PRO C 209 29.36 14.77 20.45
N ALA C 210 28.96 15.26 19.27
CA ALA C 210 29.87 15.37 18.14
C ALA C 210 30.96 16.42 18.40
N ARG C 211 32.19 16.09 18.05
CA ARG C 211 33.34 16.98 18.22
C ARG C 211 34.14 16.95 16.94
N ILE C 212 34.85 18.03 16.66
CA ILE C 212 35.71 18.08 15.48
C ILE C 212 36.81 17.02 15.55
N LEU C 213 37.01 16.31 14.45
CA LEU C 213 37.95 15.19 14.42
C LEU C 213 39.30 15.67 13.93
N GLU C 214 40.35 15.30 14.66
CA GLU C 214 41.73 15.60 14.25
C GLU C 214 42.17 14.52 13.30
N ARG C 215 42.38 14.89 12.04
CA ARG C 215 42.55 13.86 11.03
C ARG C 215 44.00 13.52 10.66
N LYS C 216 44.98 14.33 11.08
CA LYS C 216 46.39 13.97 10.89
C LYS C 216 47.19 14.11 12.17
N MET D 1 15.69 -28.26 -1.81
CA MET D 1 15.45 -29.53 -1.13
C MET D 1 14.59 -29.38 0.12
N THR D 2 14.44 -28.14 0.60
CA THR D 2 13.57 -27.89 1.73
C THR D 2 12.09 -27.89 1.32
N MET D 3 11.78 -27.14 0.26
CA MET D 3 10.40 -26.99 -0.18
C MET D 3 10.37 -26.81 -1.70
N ILE D 4 9.45 -27.49 -2.37
CA ILE D 4 9.18 -27.13 -3.76
C ILE D 4 7.72 -26.82 -3.98
N ILE D 5 7.44 -25.88 -4.86
CA ILE D 5 6.08 -25.45 -5.13
C ILE D 5 5.75 -25.72 -6.57
N GLY D 6 4.64 -26.42 -6.79
CA GLY D 6 4.15 -26.68 -8.11
C GLY D 6 2.91 -25.86 -8.44
N VAL D 7 2.85 -25.38 -9.68
CA VAL D 7 1.64 -24.78 -10.21
C VAL D 7 1.06 -25.79 -11.21
N TYR D 8 -0.04 -26.41 -10.84
CA TYR D 8 -0.63 -27.43 -11.69
C TYR D 8 -1.41 -26.78 -12.82
N GLY D 9 -0.91 -26.94 -14.04
CA GLY D 9 -1.48 -26.32 -15.22
C GLY D 9 -0.54 -25.26 -15.78
N ALA D 10 0.15 -25.59 -16.87
CA ALA D 10 1.06 -24.64 -17.52
C ALA D 10 0.30 -23.86 -18.58
N SER D 11 -0.79 -24.44 -19.02
CA SER D 11 -1.65 -23.80 -20.01
C SER D 11 -2.67 -22.96 -19.25
N GLY D 12 -3.42 -22.13 -19.98
CA GLY D 12 -4.46 -21.32 -19.37
C GLY D 12 -3.97 -20.38 -18.27
N PHE D 13 -4.57 -20.50 -17.09
CA PHE D 13 -4.32 -19.56 -16.01
C PHE D 13 -3.03 -19.82 -15.24
N GLY D 14 -2.29 -20.86 -15.59
CA GLY D 14 -1.03 -21.13 -14.90
C GLY D 14 -0.09 -19.92 -14.90
N LYS D 15 -0.02 -19.25 -16.04
CA LYS D 15 0.91 -18.13 -16.18
C LYS D 15 0.48 -16.93 -15.35
N GLU D 16 -0.81 -16.86 -15.05
CA GLU D 16 -1.33 -15.82 -14.16
C GLU D 16 -1.03 -16.21 -12.71
N VAL D 17 -1.15 -17.49 -12.41
CA VAL D 17 -1.01 -17.95 -11.02
C VAL D 17 0.43 -17.97 -10.52
N MET D 18 1.39 -18.31 -11.38
CA MET D 18 2.78 -18.39 -10.97
C MET D 18 3.30 -17.11 -10.29
N PRO D 19 3.12 -15.93 -10.92
CA PRO D 19 3.66 -14.75 -10.21
C PRO D 19 2.91 -14.45 -8.90
N LEU D 20 1.65 -14.88 -8.78
CA LEU D 20 0.94 -14.70 -7.51
C LEU D 20 1.59 -15.56 -6.43
N VAL D 21 1.94 -16.80 -6.77
CA VAL D 21 2.53 -17.69 -5.79
C VAL D 21 3.97 -17.26 -5.46
N ARG D 22 4.70 -16.75 -6.45
CA ARG D 22 6.03 -16.19 -6.20
C ARG D 22 5.94 -15.06 -5.17
N GLN D 23 4.91 -14.24 -5.27
CA GLN D 23 4.74 -13.13 -4.33
C GLN D 23 4.26 -13.62 -2.98
N GLN D 24 3.50 -14.70 -2.97
CA GLN D 24 2.99 -15.25 -1.72
C GLN D 24 4.14 -15.80 -0.87
N PHE D 25 5.22 -16.25 -1.54
CA PHE D 25 6.35 -16.91 -0.87
C PHE D 25 7.66 -16.31 -1.36
N PRO D 26 7.90 -15.05 -0.98
CA PRO D 26 8.98 -14.25 -1.59
C PRO D 26 10.40 -14.67 -1.24
N THR D 27 10.60 -15.45 -0.18
CA THR D 27 11.96 -15.85 0.18
C THR D 27 12.40 -17.14 -0.50
N LEU D 28 11.46 -17.86 -1.10
CA LEU D 28 11.84 -19.05 -1.87
C LEU D 28 12.51 -18.59 -3.14
N SER D 29 13.55 -19.29 -3.56
CA SER D 29 14.25 -18.91 -4.78
C SER D 29 13.50 -19.46 -5.99
N LYS D 30 13.72 -18.85 -7.15
CA LYS D 30 13.02 -19.27 -8.37
C LYS D 30 13.15 -20.77 -8.65
N GLU D 31 14.30 -21.35 -8.32
CA GLU D 31 14.55 -22.76 -8.61
C GLU D 31 13.67 -23.69 -7.76
N GLN D 32 13.00 -23.14 -6.76
CA GLN D 32 12.05 -23.93 -5.98
C GLN D 32 10.61 -23.95 -6.57
N PHE D 33 10.41 -23.36 -7.75
CA PHE D 33 9.07 -23.34 -8.36
C PHE D 33 9.08 -24.06 -9.69
N ALA D 34 7.97 -24.75 -10.02
CA ALA D 34 7.79 -25.38 -11.31
C ALA D 34 6.32 -25.43 -11.70
N PHE D 35 6.06 -25.47 -12.99
CA PHE D 35 4.75 -25.83 -13.51
C PHE D 35 4.65 -27.35 -13.58
N ILE D 36 3.45 -27.88 -13.35
CA ILE D 36 3.20 -29.29 -13.54
C ILE D 36 2.21 -29.39 -14.67
N ASP D 37 2.61 -30.07 -15.75
CA ASP D 37 1.74 -30.19 -16.89
C ASP D 37 2.18 -31.38 -17.72
N ASP D 38 1.31 -32.37 -17.85
CA ASP D 38 1.70 -33.60 -18.54
C ASP D 38 1.82 -33.34 -20.05
N GLY D 39 0.87 -32.56 -20.59
CA GLY D 39 0.92 -32.13 -21.98
C GLY D 39 2.21 -31.41 -22.36
N LEU D 40 2.64 -30.46 -21.53
CA LEU D 40 3.82 -29.66 -21.83
C LEU D 40 5.08 -30.08 -21.07
N SER D 41 5.04 -31.26 -20.46
CA SER D 41 6.18 -31.75 -19.66
C SER D 41 7.47 -31.75 -20.48
N GLY D 42 8.56 -31.35 -19.85
CA GLY D 42 9.84 -31.34 -20.52
C GLY D 42 10.16 -30.05 -21.24
N THR D 43 9.22 -29.10 -21.22
CA THR D 43 9.50 -27.78 -21.79
C THR D 43 9.78 -26.76 -20.69
N THR D 44 10.06 -25.51 -21.07
CA THR D 44 10.15 -24.41 -20.12
C THR D 44 9.08 -23.35 -20.44
N LEU D 45 8.68 -22.58 -19.44
CA LEU D 45 7.63 -21.59 -19.59
C LEU D 45 7.93 -20.40 -18.68
N ASN D 46 8.11 -19.23 -19.28
CA ASN D 46 8.45 -18.03 -18.55
C ASN D 46 9.65 -18.24 -17.62
N GLY D 47 10.60 -19.07 -18.06
CA GLY D 47 11.80 -19.30 -17.29
C GLY D 47 11.71 -20.39 -16.24
N TYR D 48 10.57 -21.08 -16.17
CA TYR D 48 10.36 -22.16 -15.21
C TYR D 48 10.30 -23.50 -15.93
N PRO D 49 10.74 -24.56 -15.25
CA PRO D 49 10.58 -25.89 -15.86
C PRO D 49 9.13 -26.33 -15.81
N VAL D 50 8.68 -27.03 -16.85
CA VAL D 50 7.36 -27.62 -16.83
C VAL D 50 7.59 -29.12 -16.64
N LEU D 51 7.09 -29.66 -15.52
CA LEU D 51 7.39 -31.03 -15.15
C LEU D 51 6.18 -31.93 -15.30
N SER D 52 6.42 -33.20 -15.60
CA SER D 52 5.34 -34.19 -15.51
C SER D 52 5.08 -34.37 -14.04
N TYR D 53 3.89 -34.85 -13.70
CA TYR D 53 3.57 -35.06 -12.30
C TYR D 53 4.56 -36.02 -11.66
N LEU D 54 4.95 -37.04 -12.41
CA LEU D 54 5.93 -38.00 -11.88
C LEU D 54 7.25 -37.33 -11.54
N ASP D 55 7.77 -36.50 -12.45
CA ASP D 55 9.04 -35.83 -12.21
C ASP D 55 8.93 -34.85 -11.04
N PHE D 56 7.77 -34.23 -10.87
CA PHE D 56 7.59 -33.31 -9.74
C PHE D 56 7.62 -34.09 -8.44
N ILE D 57 6.84 -35.16 -8.38
CA ILE D 57 6.71 -35.93 -7.16
C ILE D 57 8.02 -36.64 -6.79
N SER D 58 8.83 -36.95 -7.80
CA SER D 58 10.08 -37.67 -7.55
C SER D 58 11.21 -36.72 -7.10
N LYS D 59 10.97 -35.41 -7.16
CA LYS D 59 11.95 -34.44 -6.68
C LYS D 59 12.29 -34.72 -5.22
N PRO D 60 13.57 -34.49 -4.84
CA PRO D 60 14.08 -34.80 -3.50
C PRO D 60 13.39 -34.03 -2.36
N ALA D 61 13.01 -32.78 -2.60
CA ALA D 61 12.43 -31.89 -1.58
C ALA D 61 11.71 -32.56 -0.39
N ASP D 62 12.02 -32.09 0.81
CA ASP D 62 11.40 -32.56 2.04
C ASP D 62 9.90 -32.34 2.04
N HIS D 63 9.48 -31.19 1.52
CA HIS D 63 8.08 -30.78 1.56
C HIS D 63 7.64 -30.29 0.19
N LYS D 64 6.44 -30.70 -0.24
CA LYS D 64 5.93 -30.29 -1.54
C LYS D 64 4.57 -29.62 -1.37
N ALA D 65 4.32 -28.58 -2.15
CA ALA D 65 3.06 -27.89 -2.08
C ALA D 65 2.63 -27.49 -3.48
N VAL D 66 1.33 -27.53 -3.74
CA VAL D 66 0.85 -27.30 -5.09
C VAL D 66 -0.38 -26.40 -5.08
N THR D 67 -0.42 -25.49 -6.05
CA THR D 67 -1.66 -24.78 -6.33
C THR D 67 -2.11 -25.24 -7.71
N ILE D 68 -3.39 -25.55 -7.83
CA ILE D 68 -3.94 -26.00 -9.10
C ILE D 68 -4.56 -24.81 -9.83
N ALA D 69 -3.92 -24.39 -10.93
CA ALA D 69 -4.41 -23.24 -11.68
C ALA D 69 -5.56 -23.61 -12.65
N ILE D 70 -5.76 -24.90 -12.87
CA ILE D 70 -6.77 -25.38 -13.83
C ILE D 70 -8.19 -24.92 -13.50
N ALA D 71 -8.83 -24.22 -14.44
CA ALA D 71 -10.16 -23.68 -14.22
C ALA D 71 -11.28 -24.74 -14.28
N ASN D 72 -11.17 -25.68 -15.21
CA ASN D 72 -12.19 -26.74 -15.32
C ASN D 72 -12.33 -27.52 -14.00
N SER D 73 -13.53 -27.49 -13.44
CA SER D 73 -13.73 -27.96 -12.08
C SER D 73 -13.69 -29.48 -11.97
N VAL D 74 -14.03 -30.17 -13.05
CA VAL D 74 -13.93 -31.62 -13.07
C VAL D 74 -12.48 -32.07 -13.04
N VAL D 75 -11.65 -31.48 -13.90
CA VAL D 75 -10.22 -31.77 -13.87
C VAL D 75 -9.62 -31.41 -12.51
N ARG D 76 -10.07 -30.30 -11.95
CA ARG D 76 -9.52 -29.82 -10.69
C ARG D 76 -9.70 -30.87 -9.59
N GLU D 77 -10.93 -31.35 -9.43
CA GLU D 77 -11.22 -32.39 -8.44
C GLU D 77 -10.42 -33.67 -8.69
N LYS D 78 -10.24 -34.03 -9.96
CA LYS D 78 -9.44 -35.22 -10.30
C LYS D 78 -7.99 -35.01 -9.82
N LEU D 79 -7.41 -33.87 -10.14
CA LEU D 79 -6.04 -33.57 -9.71
C LEU D 79 -5.89 -33.55 -8.18
N VAL D 80 -6.89 -33.01 -7.48
CA VAL D 80 -6.86 -33.07 -6.03
C VAL D 80 -6.65 -34.53 -5.54
N SER D 81 -7.34 -35.51 -6.12
CA SER D 81 -7.24 -36.89 -5.62
C SER D 81 -5.82 -37.41 -5.74
N LEU D 82 -5.14 -36.99 -6.79
CA LEU D 82 -3.76 -37.36 -7.02
C LEU D 82 -2.85 -36.80 -5.93
N LEU D 83 -2.95 -35.49 -5.70
CA LEU D 83 -2.19 -34.81 -4.65
C LEU D 83 -2.46 -35.44 -3.28
N GLU D 84 -3.72 -35.77 -3.01
CA GLU D 84 -4.11 -36.36 -1.73
C GLU D 84 -3.44 -37.73 -1.56
N LYS D 85 -3.33 -38.47 -2.66
CA LYS D 85 -2.65 -39.76 -2.61
C LYS D 85 -1.21 -39.61 -2.18
N ASP D 86 -0.54 -38.58 -2.71
CA ASP D 86 0.89 -38.42 -2.43
C ASP D 86 1.16 -37.47 -1.26
N GLY D 87 0.13 -37.12 -0.51
CA GLY D 87 0.30 -36.28 0.66
C GLY D 87 0.86 -34.89 0.36
N VAL D 88 0.62 -34.40 -0.85
CA VAL D 88 1.09 -33.07 -1.22
C VAL D 88 0.21 -32.00 -0.57
N GLN D 89 0.86 -30.94 -0.13
CA GLN D 89 0.17 -29.86 0.56
C GLN D 89 -0.57 -28.98 -0.46
N HIS D 90 -1.82 -28.65 -0.15
CA HIS D 90 -2.58 -27.73 -0.97
C HIS D 90 -2.30 -26.29 -0.55
N LEU D 91 -1.75 -25.51 -1.47
CA LEU D 91 -1.37 -24.13 -1.19
C LEU D 91 -2.57 -23.21 -1.42
N ALA D 92 -2.76 -22.26 -0.51
CA ALA D 92 -3.73 -21.19 -0.69
C ALA D 92 -3.02 -20.00 -1.32
N VAL D 93 -3.56 -19.48 -2.41
CA VAL D 93 -2.93 -18.36 -3.07
C VAL D 93 -3.88 -17.16 -3.06
N GLN D 94 -3.41 -16.00 -2.61
CA GLN D 94 -4.19 -14.79 -2.81
C GLN D 94 -3.32 -13.67 -3.38
N SER D 95 -3.93 -12.54 -3.68
CA SER D 95 -3.18 -11.45 -4.26
C SER D 95 -2.91 -10.40 -3.19
N THR D 96 -1.86 -9.62 -3.37
CA THR D 96 -1.54 -8.54 -2.44
C THR D 96 -2.72 -7.59 -2.20
N ASN D 97 -3.47 -7.28 -3.26
CA ASN D 97 -4.56 -6.32 -3.11
C ASN D 97 -5.93 -6.95 -2.81
N THR D 98 -5.96 -8.26 -2.55
CA THR D 98 -7.20 -8.94 -2.16
C THR D 98 -7.74 -8.41 -0.84
N VAL D 99 -9.04 -8.13 -0.78
CA VAL D 99 -9.67 -7.68 0.45
C VAL D 99 -10.55 -8.78 1.04
N ILE D 100 -10.37 -9.04 2.34
CA ILE D 100 -11.19 -10.01 3.08
C ILE D 100 -11.61 -9.39 4.41
N LEU D 101 -12.92 -9.28 4.65
CA LEU D 101 -13.42 -8.68 5.88
C LEU D 101 -13.68 -9.71 6.99
N ASP D 102 -14.79 -9.58 7.71
CA ASP D 102 -15.01 -10.33 8.96
C ASP D 102 -15.58 -11.73 8.76
N GLU D 103 -15.17 -12.67 9.61
CA GLU D 103 -15.79 -14.00 9.66
C GLU D 103 -15.91 -14.61 8.29
N VAL D 104 -14.79 -14.70 7.59
CA VAL D 104 -14.77 -15.37 6.30
C VAL D 104 -14.02 -16.69 6.48
N GLU D 105 -14.75 -17.79 6.32
CA GLU D 105 -14.20 -19.12 6.47
C GLU D 105 -13.98 -19.66 5.07
N ILE D 106 -12.79 -20.21 4.79
CA ILE D 106 -12.45 -20.65 3.44
C ILE D 106 -11.76 -22.00 3.47
N GLY D 107 -12.23 -22.94 2.66
CA GLY D 107 -11.60 -24.25 2.57
C GLY D 107 -10.25 -24.20 1.89
N GLU D 108 -9.51 -25.30 1.94
CA GLU D 108 -8.16 -25.36 1.40
C GLU D 108 -8.15 -25.15 -0.11
N GLY D 109 -7.00 -24.77 -0.64
CA GLY D 109 -6.83 -24.68 -2.08
C GLY D 109 -7.56 -23.50 -2.72
N SER D 110 -7.82 -22.44 -1.96
CA SER D 110 -8.45 -21.27 -2.57
C SER D 110 -7.45 -20.53 -3.44
N LEU D 111 -7.96 -19.84 -4.46
CA LEU D 111 -7.13 -19.05 -5.34
C LEU D 111 -7.84 -17.71 -5.59
N LEU D 112 -7.30 -16.61 -5.04
CA LEU D 112 -7.97 -15.31 -5.18
C LEU D 112 -7.06 -14.36 -5.95
N CYS D 113 -7.48 -14.01 -7.16
CA CYS D 113 -6.66 -13.24 -8.09
C CYS D 113 -6.74 -11.75 -7.78
N PRO D 114 -5.98 -10.92 -8.50
CA PRO D 114 -5.97 -9.49 -8.15
C PRO D 114 -7.35 -8.83 -8.15
N PHE D 115 -7.55 -7.86 -7.26
CA PHE D 115 -8.78 -7.06 -7.18
C PHE D 115 -10.01 -7.87 -6.74
N THR D 116 -9.78 -9.00 -6.09
CA THR D 116 -10.87 -9.80 -5.54
C THR D 116 -11.26 -9.29 -4.16
N CYS D 117 -12.51 -9.56 -3.79
CA CYS D 117 -13.04 -9.10 -2.52
C CYS D 117 -13.99 -10.13 -1.92
N LEU D 118 -13.77 -10.48 -0.65
CA LEU D 118 -14.73 -11.26 0.12
C LEU D 118 -15.14 -10.40 1.29
N THR D 119 -16.43 -10.16 1.50
CA THR D 119 -16.82 -9.27 2.59
C THR D 119 -16.91 -9.97 3.95
N SER D 120 -18.10 -10.10 4.51
CA SER D 120 -18.22 -10.59 5.89
C SER D 120 -19.24 -11.73 6.03
N ASN D 121 -18.97 -12.62 6.99
CA ASN D 121 -19.84 -13.75 7.30
C ASN D 121 -20.10 -14.63 6.08
N ILE D 122 -19.04 -15.28 5.61
CA ILE D 122 -19.07 -16.03 4.38
C ILE D 122 -18.44 -17.38 4.64
N LYS D 123 -19.03 -18.42 4.07
CA LYS D 123 -18.44 -19.73 4.16
C LYS D 123 -18.17 -20.21 2.73
N ILE D 124 -16.91 -20.53 2.45
CA ILE D 124 -16.50 -20.97 1.14
C ILE D 124 -15.82 -22.33 1.28
N GLY D 125 -16.18 -23.27 0.41
CA GLY D 125 -15.60 -24.61 0.49
C GLY D 125 -14.22 -24.70 -0.12
N LYS D 126 -13.91 -25.89 -0.65
CA LYS D 126 -12.55 -26.20 -1.08
C LYS D 126 -12.31 -25.88 -2.55
N PHE D 127 -11.07 -25.54 -2.86
CA PHE D 127 -10.63 -25.34 -4.24
C PHE D 127 -11.48 -24.30 -5.01
N PHE D 128 -11.82 -23.24 -4.30
CA PHE D 128 -12.55 -22.09 -4.86
C PHE D 128 -11.58 -21.23 -5.66
N HIS D 129 -11.99 -20.87 -6.88
CA HIS D 129 -11.21 -19.98 -7.74
C HIS D 129 -12.00 -18.69 -7.98
N ALA D 130 -11.43 -17.57 -7.57
CA ALA D 130 -12.02 -16.27 -7.81
C ALA D 130 -11.09 -15.48 -8.72
N ASN D 131 -11.46 -15.32 -9.98
CA ASN D 131 -10.58 -14.58 -10.89
C ASN D 131 -10.74 -13.07 -10.70
N ILE D 132 -9.94 -12.30 -11.43
CA ILE D 132 -9.79 -10.86 -11.18
C ILE D 132 -11.10 -10.06 -11.11
N TYR D 133 -11.20 -9.22 -10.09
CA TYR D 133 -12.36 -8.34 -9.86
C TYR D 133 -13.60 -9.07 -9.38
N SER D 134 -13.52 -10.39 -9.19
CA SER D 134 -14.71 -11.11 -8.73
C SER D 134 -14.93 -10.90 -7.23
N TYR D 135 -16.18 -10.99 -6.76
CA TYR D 135 -16.45 -10.81 -5.33
C TYR D 135 -17.55 -11.69 -4.77
N VAL D 136 -17.49 -11.88 -3.45
CA VAL D 136 -18.52 -12.58 -2.70
C VAL D 136 -18.97 -11.67 -1.57
N ALA D 137 -20.25 -11.33 -1.53
CA ALA D 137 -20.76 -10.41 -0.51
C ALA D 137 -21.29 -11.14 0.72
N HIS D 138 -21.95 -10.41 1.62
CA HIS D 138 -22.25 -10.92 2.95
C HIS D 138 -23.19 -12.14 2.98
N ASP D 139 -22.97 -13.03 3.94
CA ASP D 139 -23.88 -14.13 4.21
C ASP D 139 -24.06 -15.09 3.03
N CYS D 140 -22.98 -15.35 2.31
CA CYS D 140 -23.03 -16.32 1.22
C CYS D 140 -22.45 -17.66 1.68
N VAL D 141 -22.90 -18.73 1.03
CA VAL D 141 -22.32 -20.05 1.26
C VAL D 141 -21.94 -20.60 -0.09
N ILE D 142 -20.69 -21.02 -0.21
CA ILE D 142 -20.17 -21.42 -1.50
C ILE D 142 -19.54 -22.79 -1.34
N GLY D 143 -19.91 -23.71 -2.24
CA GLY D 143 -19.52 -25.11 -2.12
C GLY D 143 -18.11 -25.37 -2.61
N ASP D 144 -17.85 -26.61 -3.01
CA ASP D 144 -16.54 -27.04 -3.46
C ASP D 144 -16.37 -26.95 -4.96
N TYR D 145 -15.14 -26.75 -5.41
CA TYR D 145 -14.84 -26.71 -6.84
C TYR D 145 -15.67 -25.66 -7.55
N VAL D 146 -15.93 -24.55 -6.87
CA VAL D 146 -16.64 -23.44 -7.52
C VAL D 146 -15.66 -22.50 -8.21
N THR D 147 -16.07 -21.94 -9.34
CA THR D 147 -15.21 -21.07 -10.13
C THR D 147 -15.90 -19.78 -10.53
N PHE D 148 -15.31 -18.65 -10.12
CA PHE D 148 -15.78 -17.33 -10.53
C PHE D 148 -14.84 -16.80 -11.60
N ALA D 149 -15.38 -16.51 -12.79
CA ALA D 149 -14.63 -15.85 -13.84
C ALA D 149 -14.46 -14.38 -13.45
N PRO D 150 -13.63 -13.63 -14.19
CA PRO D 150 -13.40 -12.23 -13.79
C PRO D 150 -14.68 -11.40 -13.70
N GLY D 151 -14.78 -10.60 -12.64
CA GLY D 151 -15.88 -9.66 -12.51
C GLY D 151 -17.21 -10.32 -12.21
N ALA D 152 -17.16 -11.58 -11.78
CA ALA D 152 -18.37 -12.28 -11.33
C ALA D 152 -18.81 -11.62 -10.04
N LYS D 153 -20.08 -11.26 -9.95
CA LYS D 153 -20.55 -10.48 -8.82
C LYS D 153 -21.61 -11.24 -8.04
N CYS D 154 -21.19 -11.88 -6.96
CA CYS D 154 -22.07 -12.64 -6.11
C CYS D 154 -22.50 -11.80 -4.90
N ASN D 155 -23.73 -11.29 -4.93
CA ASN D 155 -24.23 -10.45 -3.83
C ASN D 155 -24.66 -11.22 -2.61
N GLY D 156 -25.32 -10.55 -1.66
CA GLY D 156 -25.57 -11.17 -0.37
C GLY D 156 -26.60 -12.29 -0.33
N ASN D 157 -26.51 -13.14 0.69
CA ASN D 157 -27.46 -14.24 0.87
C ASN D 157 -27.66 -15.07 -0.40
N ILE D 158 -26.55 -15.50 -0.97
CA ILE D 158 -26.57 -16.40 -2.11
C ILE D 158 -25.91 -17.68 -1.68
N HIS D 159 -26.46 -18.80 -2.13
CA HIS D 159 -25.88 -20.09 -1.86
C HIS D 159 -25.49 -20.70 -3.20
N ILE D 160 -24.19 -20.97 -3.37
CA ILE D 160 -23.71 -21.55 -4.60
C ILE D 160 -23.19 -22.94 -4.32
N GLU D 161 -23.72 -23.93 -5.06
CA GLU D 161 -23.42 -25.34 -4.81
C GLU D 161 -22.18 -25.78 -5.56
N ASP D 162 -21.73 -27.01 -5.26
CA ASP D 162 -20.52 -27.57 -5.85
C ASP D 162 -20.46 -27.45 -7.36
N HIS D 163 -19.26 -27.20 -7.87
CA HIS D 163 -18.98 -27.22 -9.30
C HIS D 163 -19.73 -26.18 -10.14
N ALA D 164 -20.42 -25.25 -9.51
CA ALA D 164 -21.03 -24.13 -10.25
C ALA D 164 -19.96 -23.26 -10.90
N TYR D 165 -20.34 -22.55 -11.94
CA TYR D 165 -19.45 -21.65 -12.66
C TYR D 165 -20.16 -20.31 -12.91
N ILE D 166 -19.57 -19.23 -12.45
CA ILE D 166 -20.15 -17.90 -12.67
C ILE D 166 -19.29 -17.14 -13.68
N GLY D 167 -19.90 -16.82 -14.82
CA GLY D 167 -19.15 -16.31 -15.96
C GLY D 167 -18.73 -14.86 -15.83
N THR D 168 -17.89 -14.42 -16.75
CA THR D 168 -17.29 -13.09 -16.68
C THR D 168 -18.35 -12.02 -16.67
N GLY D 169 -18.26 -11.13 -15.70
CA GLY D 169 -19.15 -9.98 -15.63
C GLY D 169 -20.57 -10.32 -15.21
N ALA D 170 -20.85 -11.58 -14.96
CA ALA D 170 -22.19 -11.95 -14.53
C ALA D 170 -22.52 -11.28 -13.20
N VAL D 171 -23.80 -11.03 -12.96
CA VAL D 171 -24.25 -10.45 -11.70
C VAL D 171 -25.41 -11.24 -11.14
N ILE D 172 -25.36 -11.52 -9.84
CA ILE D 172 -26.42 -12.27 -9.20
C ILE D 172 -27.11 -11.45 -8.11
N LYS D 173 -28.43 -11.37 -8.21
CA LYS D 173 -29.25 -10.66 -7.25
C LYS D 173 -29.12 -11.25 -5.85
N GLN D 174 -29.11 -10.38 -4.84
CA GLN D 174 -29.07 -10.87 -3.46
C GLN D 174 -30.33 -11.64 -3.12
N GLY D 175 -30.20 -12.60 -2.21
CA GLY D 175 -31.36 -13.23 -1.60
C GLY D 175 -31.70 -12.54 -0.30
N THR D 176 -32.41 -13.24 0.58
CA THR D 176 -32.70 -12.72 1.91
C THR D 176 -32.34 -13.78 2.93
N PRO D 177 -32.27 -13.40 4.21
CA PRO D 177 -31.95 -14.39 5.23
C PRO D 177 -32.89 -15.61 5.17
N ASP D 178 -34.19 -15.37 5.00
CA ASP D 178 -35.17 -16.46 4.94
C ASP D 178 -35.09 -17.21 3.62
N LYS D 179 -34.93 -16.47 2.53
CA LYS D 179 -34.92 -17.08 1.20
C LYS D 179 -33.62 -16.78 0.43
N PRO D 180 -32.62 -17.64 0.59
CA PRO D 180 -31.37 -17.46 -0.17
C PRO D 180 -31.64 -17.67 -1.64
N LEU D 181 -30.91 -16.95 -2.49
CA LEU D 181 -30.94 -17.22 -3.92
C LEU D 181 -29.93 -18.34 -4.15
N ILE D 182 -30.36 -19.41 -4.79
CA ILE D 182 -29.52 -20.59 -4.95
C ILE D 182 -29.04 -20.80 -6.39
N ILE D 183 -27.74 -21.01 -6.54
CA ILE D 183 -27.18 -21.44 -7.82
C ILE D 183 -26.86 -22.93 -7.65
N GLY D 184 -27.54 -23.77 -8.43
CA GLY D 184 -27.50 -25.20 -8.20
C GLY D 184 -26.22 -25.88 -8.62
N LYS D 185 -26.04 -27.14 -8.21
CA LYS D 185 -24.83 -27.90 -8.50
C LYS D 185 -24.54 -27.99 -9.99
N GLY D 186 -23.31 -27.63 -10.36
CA GLY D 186 -22.88 -27.65 -11.74
C GLY D 186 -23.62 -26.67 -12.64
N ALA D 187 -24.44 -25.81 -12.04
CA ALA D 187 -25.06 -24.74 -12.81
C ALA D 187 -24.02 -23.81 -13.43
N ILE D 188 -24.36 -23.25 -14.59
CA ILE D 188 -23.52 -22.28 -15.28
C ILE D 188 -24.26 -20.96 -15.43
N VAL D 189 -23.71 -19.89 -14.89
CA VAL D 189 -24.21 -18.55 -15.15
C VAL D 189 -23.35 -17.96 -16.27
N GLY D 190 -23.97 -17.71 -17.41
CA GLY D 190 -23.22 -17.30 -18.60
C GLY D 190 -22.52 -15.96 -18.43
N MET D 191 -21.45 -15.78 -19.18
CA MET D 191 -20.77 -14.50 -19.23
C MET D 191 -21.82 -13.42 -19.45
N GLY D 192 -21.77 -12.38 -18.63
CA GLY D 192 -22.62 -11.22 -18.80
C GLY D 192 -24.07 -11.42 -18.38
N ALA D 193 -24.39 -12.57 -17.83
CA ALA D 193 -25.77 -12.83 -17.44
C ALA D 193 -26.19 -11.99 -16.24
N VAL D 194 -27.48 -11.68 -16.18
CA VAL D 194 -28.04 -10.92 -15.07
C VAL D 194 -29.10 -11.79 -14.42
N VAL D 195 -28.75 -12.38 -13.27
CA VAL D 195 -29.54 -13.43 -12.65
C VAL D 195 -30.42 -12.87 -11.53
N THR D 196 -31.73 -13.09 -11.63
CA THR D 196 -32.66 -12.52 -10.67
C THR D 196 -33.41 -13.58 -9.87
N LYS D 197 -33.13 -14.85 -10.11
CA LYS D 197 -33.78 -15.91 -9.34
C LYS D 197 -32.91 -17.16 -9.33
N SER D 198 -33.21 -18.07 -8.40
CA SER D 198 -32.41 -19.29 -8.28
C SER D 198 -32.27 -20.01 -9.61
N VAL D 199 -31.12 -20.65 -9.79
CA VAL D 199 -30.82 -21.43 -10.97
C VAL D 199 -30.66 -22.90 -10.56
N PRO D 200 -31.46 -23.80 -11.17
CA PRO D 200 -31.44 -25.22 -10.80
C PRO D 200 -30.11 -25.92 -11.13
N ALA D 201 -29.84 -27.02 -10.45
CA ALA D 201 -28.63 -27.79 -10.76
C ALA D 201 -28.58 -28.16 -12.24
N GLY D 202 -27.38 -28.15 -12.80
CA GLY D 202 -27.16 -28.59 -14.16
C GLY D 202 -27.80 -27.73 -15.24
N VAL D 203 -28.22 -26.53 -14.88
CA VAL D 203 -28.87 -25.63 -15.82
C VAL D 203 -27.92 -24.50 -16.21
N THR D 204 -27.95 -24.09 -17.47
CA THR D 204 -27.20 -22.91 -17.91
C THR D 204 -28.11 -21.75 -18.21
N VAL D 205 -27.84 -20.58 -17.63
CA VAL D 205 -28.60 -19.38 -17.96
C VAL D 205 -27.72 -18.31 -18.61
N VAL D 206 -28.31 -17.54 -19.51
CA VAL D 206 -27.58 -16.47 -20.20
C VAL D 206 -28.50 -15.29 -20.40
N GLY D 207 -27.90 -14.13 -20.63
CA GLY D 207 -28.66 -12.97 -21.03
C GLY D 207 -29.14 -12.06 -19.92
N ASN D 208 -29.80 -10.99 -20.33
CA ASN D 208 -30.28 -9.97 -19.42
C ASN D 208 -31.72 -9.65 -19.80
N PRO D 209 -32.70 -10.15 -19.03
CA PRO D 209 -32.52 -10.98 -17.83
C PRO D 209 -32.14 -12.42 -18.19
N ALA D 210 -31.53 -13.13 -17.25
CA ALA D 210 -31.05 -14.48 -17.54
C ALA D 210 -32.19 -15.46 -17.87
N ARG D 211 -32.04 -16.22 -18.95
CA ARG D 211 -33.01 -17.26 -19.31
C ARG D 211 -32.27 -18.58 -19.50
N ILE D 212 -32.98 -19.69 -19.36
CA ILE D 212 -32.36 -20.99 -19.58
C ILE D 212 -31.88 -21.13 -21.02
N LEU D 213 -30.70 -21.70 -21.17
CA LEU D 213 -30.14 -22.07 -22.47
C LEU D 213 -30.13 -23.60 -22.50
N GLU D 214 -30.93 -24.20 -23.37
CA GLU D 214 -31.05 -25.65 -23.38
C GLU D 214 -29.86 -26.32 -24.05
N THR E 2 -15.78 8.32 26.47
CA THR E 2 -15.19 9.37 25.63
C THR E 2 -15.82 9.42 24.24
N MET E 3 -15.89 8.25 23.58
CA MET E 3 -16.43 8.16 22.23
C MET E 3 -16.96 6.75 21.97
N ILE E 4 -18.21 6.65 21.53
CA ILE E 4 -18.74 5.37 21.07
C ILE E 4 -19.26 5.51 19.65
N ILE E 5 -19.02 4.48 18.84
CA ILE E 5 -19.39 4.50 17.44
C ILE E 5 -20.50 3.48 17.21
N GLY E 6 -21.52 3.90 16.49
CA GLY E 6 -22.63 3.01 16.17
C GLY E 6 -22.72 2.74 14.69
N VAL E 7 -22.91 1.48 14.34
CA VAL E 7 -23.23 1.13 12.96
C VAL E 7 -24.71 0.81 12.86
N TYR E 8 -25.48 1.72 12.26
CA TYR E 8 -26.92 1.58 12.19
C TYR E 8 -27.33 0.61 11.09
N GLY E 9 -27.74 -0.59 11.50
CA GLY E 9 -28.14 -1.63 10.56
C GLY E 9 -27.26 -2.86 10.76
N ALA E 10 -27.73 -3.82 11.54
CA ALA E 10 -26.94 -5.01 11.82
C ALA E 10 -27.14 -6.07 10.74
N SER E 11 -28.31 -6.03 10.09
CA SER E 11 -28.57 -6.92 8.98
C SER E 11 -27.88 -6.40 7.74
N GLY E 12 -27.46 -7.32 6.89
CA GLY E 12 -26.93 -6.98 5.58
C GLY E 12 -25.61 -6.24 5.60
N PHE E 13 -25.61 -5.05 5.02
CA PHE E 13 -24.37 -4.29 4.82
C PHE E 13 -23.68 -3.86 6.10
N GLY E 14 -24.39 -3.94 7.22
CA GLY E 14 -23.82 -3.57 8.50
C GLY E 14 -22.59 -4.39 8.81
N LYS E 15 -22.67 -5.67 8.50
CA LYS E 15 -21.57 -6.59 8.79
C LYS E 15 -20.35 -6.31 7.91
N GLU E 16 -20.59 -5.69 6.77
CA GLU E 16 -19.54 -5.24 5.86
C GLU E 16 -18.94 -3.91 6.35
N VAL E 17 -19.80 -3.03 6.87
CA VAL E 17 -19.38 -1.68 7.24
C VAL E 17 -18.58 -1.64 8.55
N MET E 18 -18.94 -2.49 9.51
CA MET E 18 -18.26 -2.50 10.80
C MET E 18 -16.72 -2.65 10.68
N PRO E 19 -16.25 -3.63 9.89
CA PRO E 19 -14.79 -3.75 9.76
C PRO E 19 -14.15 -2.50 9.13
N LEU E 20 -14.89 -1.84 8.24
CA LEU E 20 -14.38 -0.61 7.65
C LEU E 20 -14.24 0.48 8.72
N VAL E 21 -15.23 0.58 9.62
CA VAL E 21 -15.16 1.57 10.68
C VAL E 21 -14.06 1.25 11.69
N ARG E 22 -13.89 -0.03 12.00
CA ARG E 22 -12.79 -0.45 12.87
C ARG E 22 -11.43 0.02 12.31
N GLN E 23 -11.18 -0.26 11.04
CA GLN E 23 -9.92 0.13 10.40
C GLN E 23 -9.74 1.63 10.40
N GLN E 24 -10.85 2.36 10.28
CA GLN E 24 -10.82 3.80 10.16
C GLN E 24 -10.52 4.49 11.48
N PHE E 25 -10.82 3.82 12.59
CA PHE E 25 -10.58 4.36 13.94
C PHE E 25 -9.84 3.32 14.75
N PRO E 26 -8.59 3.03 14.36
CA PRO E 26 -7.85 1.89 14.91
C PRO E 26 -7.48 2.08 16.38
N THR E 27 -7.51 3.31 16.89
CA THR E 27 -7.11 3.53 18.28
C THR E 27 -8.27 3.36 19.26
N LEU E 28 -9.49 3.28 18.74
CA LEU E 28 -10.62 2.94 19.59
C LEU E 28 -10.63 1.44 19.85
N SER E 29 -10.99 1.06 21.07
CA SER E 29 -11.07 -0.36 21.41
C SER E 29 -12.41 -0.95 20.97
N LYS E 30 -12.47 -2.27 20.89
CA LYS E 30 -13.69 -2.96 20.44
C LYS E 30 -14.92 -2.53 21.23
N GLU E 31 -14.77 -2.36 22.54
CA GLU E 31 -15.90 -2.00 23.39
C GLU E 31 -16.50 -0.64 23.05
N GLN E 32 -15.82 0.14 22.22
CA GLN E 32 -16.37 1.44 21.85
C GLN E 32 -17.24 1.38 20.60
N PHE E 33 -17.44 0.18 20.06
CA PHE E 33 -18.26 -0.01 18.86
C PHE E 33 -19.51 -0.84 19.15
N ALA E 34 -20.58 -0.56 18.42
CA ALA E 34 -21.80 -1.32 18.57
C ALA E 34 -22.66 -1.22 17.32
N PHE E 35 -23.41 -2.28 17.05
CA PHE E 35 -24.47 -2.23 16.05
C PHE E 35 -25.70 -1.61 16.68
N ILE E 36 -26.44 -0.84 15.90
CA ILE E 36 -27.72 -0.32 16.33
C ILE E 36 -28.78 -1.00 15.49
N ASP E 37 -29.61 -1.80 16.12
CA ASP E 37 -30.72 -2.45 15.42
C ASP E 37 -31.83 -2.74 16.41
N ASP E 38 -32.94 -2.01 16.30
CA ASP E 38 -34.07 -2.23 17.19
C ASP E 38 -34.58 -3.66 17.06
N GLY E 39 -34.85 -4.08 15.83
CA GLY E 39 -35.23 -5.46 15.56
C GLY E 39 -34.37 -6.46 16.30
N LEU E 40 -33.09 -6.55 15.93
CA LEU E 40 -32.18 -7.54 16.52
C LEU E 40 -31.64 -7.10 17.88
N SER E 41 -32.29 -6.13 18.51
CA SER E 41 -31.84 -5.59 19.79
C SER E 41 -31.44 -6.67 20.80
N GLY E 42 -30.62 -6.29 21.78
CA GLY E 42 -30.25 -7.18 22.86
C GLY E 42 -29.41 -8.39 22.49
N THR E 43 -29.11 -8.57 21.20
CA THR E 43 -28.28 -9.71 20.79
C THR E 43 -26.82 -9.29 20.59
N THR E 44 -25.96 -10.25 20.23
CA THR E 44 -24.57 -9.93 19.89
C THR E 44 -24.20 -10.46 18.51
N LEU E 45 -23.59 -9.61 17.69
CA LEU E 45 -23.25 -9.94 16.32
C LEU E 45 -21.76 -9.78 16.04
N ASN E 46 -21.12 -10.87 15.64
CA ASN E 46 -19.70 -10.85 15.32
C ASN E 46 -18.86 -10.34 16.49
N GLY E 47 -19.39 -10.49 17.69
CA GLY E 47 -18.66 -10.11 18.90
C GLY E 47 -19.10 -8.76 19.42
N TYR E 48 -19.86 -8.03 18.61
CA TYR E 48 -20.32 -6.70 18.97
C TYR E 48 -21.71 -6.77 19.57
N PRO E 49 -21.99 -5.90 20.56
CA PRO E 49 -23.35 -5.78 21.07
C PRO E 49 -24.25 -5.21 20.00
N VAL E 50 -25.52 -5.64 19.97
CA VAL E 50 -26.52 -4.99 19.14
C VAL E 50 -27.51 -4.28 20.04
N LEU E 51 -27.44 -2.95 20.09
CA LEU E 51 -28.26 -2.17 20.99
C LEU E 51 -29.45 -1.57 20.26
N SER E 52 -30.53 -1.33 21.00
CA SER E 52 -31.65 -0.58 20.45
C SER E 52 -31.18 0.87 20.33
N TYR E 53 -31.90 1.67 19.56
CA TYR E 53 -31.49 3.07 19.39
C TYR E 53 -31.44 3.79 20.74
N LEU E 54 -32.39 3.46 21.62
CA LEU E 54 -32.46 4.10 22.93
C LEU E 54 -31.37 3.64 23.89
N ASP E 55 -31.02 2.35 23.84
CA ASP E 55 -29.91 1.85 24.64
C ASP E 55 -28.59 2.47 24.17
N PHE E 56 -28.58 2.93 22.92
CA PHE E 56 -27.43 3.62 22.36
C PHE E 56 -27.40 5.07 22.87
N ILE E 57 -28.48 5.79 22.61
CA ILE E 57 -28.58 7.20 22.99
C ILE E 57 -28.43 7.38 24.50
N SER E 58 -28.81 6.37 25.27
CA SER E 58 -28.80 6.46 26.72
C SER E 58 -27.51 5.90 27.31
N LYS E 59 -26.51 5.72 26.45
CA LYS E 59 -25.21 5.29 26.93
C LYS E 59 -24.40 6.51 27.34
N PRO E 60 -23.62 6.40 28.42
CA PRO E 60 -22.75 7.52 28.82
C PRO E 60 -21.55 7.63 27.89
N ALA E 61 -21.42 8.78 27.24
CA ALA E 61 -20.31 9.05 26.34
C ALA E 61 -20.34 10.50 25.91
N ASP E 62 -19.20 11.16 25.98
CA ASP E 62 -19.12 12.59 25.72
C ASP E 62 -19.40 12.91 24.27
N HIS E 63 -19.08 11.97 23.38
CA HIS E 63 -19.34 12.14 21.97
C HIS E 63 -19.81 10.83 21.37
N LYS E 64 -20.73 10.93 20.42
CA LYS E 64 -21.27 9.76 19.72
C LYS E 64 -21.31 10.06 18.24
N ALA E 65 -21.02 9.03 17.43
CA ALA E 65 -21.04 9.17 15.99
C ALA E 65 -21.59 7.89 15.39
N VAL E 66 -22.35 8.01 14.31
CA VAL E 66 -22.98 6.83 13.73
C VAL E 66 -22.80 6.82 12.23
N THR E 67 -22.50 5.65 11.68
CA THR E 67 -22.58 5.44 10.23
C THR E 67 -23.83 4.62 9.93
N ILE E 68 -24.63 5.06 8.98
CA ILE E 68 -25.87 4.36 8.65
C ILE E 68 -25.62 3.40 7.48
N ALA E 69 -25.52 2.11 7.78
CA ALA E 69 -25.20 1.13 6.74
C ALA E 69 -26.42 0.63 5.98
N ILE E 70 -27.55 1.32 6.15
CA ILE E 70 -28.80 0.90 5.53
C ILE E 70 -28.97 1.45 4.10
N ALA E 71 -29.19 0.54 3.15
CA ALA E 71 -29.23 0.92 1.75
C ALA E 71 -30.48 1.71 1.37
N ASN E 72 -31.60 1.41 2.02
CA ASN E 72 -32.84 2.12 1.74
C ASN E 72 -32.68 3.60 2.06
N SER E 73 -32.71 4.44 1.04
CA SER E 73 -32.43 5.85 1.23
C SER E 73 -33.56 6.59 1.95
N VAL E 74 -34.79 6.13 1.79
CA VAL E 74 -35.90 6.72 2.53
C VAL E 74 -35.70 6.46 4.03
N VAL E 75 -35.35 5.23 4.37
CA VAL E 75 -35.06 4.87 5.76
C VAL E 75 -33.83 5.63 6.26
N ARG E 76 -32.92 5.94 5.34
CA ARG E 76 -31.66 6.58 5.72
C ARG E 76 -31.88 8.04 6.13
N GLU E 77 -32.68 8.76 5.34
CA GLU E 77 -33.05 10.13 5.66
C GLU E 77 -33.86 10.19 6.95
N LYS E 78 -34.68 9.19 7.19
CA LYS E 78 -35.42 9.09 8.45
C LYS E 78 -34.46 8.94 9.64
N LEU E 79 -33.52 8.02 9.56
CA LEU E 79 -32.58 7.80 10.66
C LEU E 79 -31.69 9.03 10.90
N VAL E 80 -31.35 9.74 9.83
CA VAL E 80 -30.52 10.93 9.95
C VAL E 80 -31.24 11.97 10.82
N SER E 81 -32.53 12.17 10.54
CA SER E 81 -33.35 13.07 11.33
C SER E 81 -33.33 12.67 12.80
N LEU E 82 -33.53 11.39 13.05
CA LEU E 82 -33.47 10.86 14.40
C LEU E 82 -32.16 11.21 15.09
N LEU E 83 -31.05 10.96 14.39
CA LEU E 83 -29.73 11.22 14.96
C LEU E 83 -29.49 12.70 15.23
N GLU E 84 -29.89 13.55 14.28
CA GLU E 84 -29.75 15.01 14.43
C GLU E 84 -30.40 15.54 15.70
N LYS E 85 -31.64 15.12 15.94
CA LYS E 85 -32.36 15.51 17.16
C LYS E 85 -31.53 15.22 18.40
N ASP E 86 -30.91 14.05 18.44
CA ASP E 86 -30.16 13.65 19.64
C ASP E 86 -28.71 14.15 19.63
N GLY E 87 -28.36 14.95 18.63
CA GLY E 87 -27.02 15.49 18.52
C GLY E 87 -25.91 14.47 18.28
N VAL E 88 -26.26 13.29 17.75
CA VAL E 88 -25.27 12.28 17.37
C VAL E 88 -24.59 12.69 16.05
N GLN E 89 -23.25 12.60 16.01
CA GLN E 89 -22.50 12.97 14.81
C GLN E 89 -22.62 11.91 13.72
N HIS E 90 -22.51 12.34 12.47
CA HIS E 90 -22.49 11.45 11.33
C HIS E 90 -21.06 11.11 10.95
N LEU E 91 -20.73 9.82 10.96
CA LEU E 91 -19.41 9.34 10.57
C LEU E 91 -19.26 9.23 9.07
N ALA E 92 -18.16 9.74 8.52
CA ALA E 92 -17.78 9.41 7.15
C ALA E 92 -16.87 8.18 7.17
N VAL E 93 -17.11 7.23 6.25
CA VAL E 93 -16.31 6.01 6.19
C VAL E 93 -15.75 5.81 4.79
N GLN E 94 -14.44 5.60 4.69
CA GLN E 94 -13.78 5.24 3.44
CA GLN E 94 -13.80 5.23 3.43
C GLN E 94 -13.10 3.88 3.58
N SER E 95 -12.75 3.27 2.48
CA SER E 95 -11.95 2.06 2.56
C SER E 95 -10.51 2.46 2.25
N THR E 96 -9.57 1.68 2.79
CA THR E 96 -8.14 1.89 2.55
C THR E 96 -7.78 2.00 1.08
N ASN E 97 -8.43 1.19 0.24
CA ASN E 97 -8.03 1.12 -1.17
C ASN E 97 -8.87 2.02 -2.08
N THR E 98 -9.73 2.83 -1.48
CA THR E 98 -10.53 3.80 -2.23
C THR E 98 -9.64 4.82 -2.93
N VAL E 99 -9.91 5.10 -4.20
CA VAL E 99 -9.14 6.12 -4.91
C VAL E 99 -10.02 7.35 -5.18
N ILE E 100 -9.52 8.53 -4.80
CA ILE E 100 -10.21 9.82 -5.06
C ILE E 100 -9.22 10.78 -5.69
N LEU E 101 -9.50 11.30 -6.88
CA LEU E 101 -8.54 12.18 -7.55
C LEU E 101 -8.82 13.67 -7.28
N ASP E 102 -8.68 14.55 -8.28
CA ASP E 102 -8.78 16.00 -8.05
C ASP E 102 -10.19 16.59 -7.89
N GLU E 103 -10.31 17.57 -7.00
CA GLU E 103 -11.51 18.41 -6.94
C GLU E 103 -12.79 17.61 -6.71
N VAL E 104 -12.79 16.78 -5.69
CA VAL E 104 -13.96 15.99 -5.36
C VAL E 104 -14.51 16.48 -4.05
N GLU E 105 -15.72 17.03 -4.09
CA GLU E 105 -16.38 17.54 -2.91
C GLU E 105 -17.46 16.56 -2.46
N ILE E 106 -17.45 16.22 -1.18
CA ILE E 106 -18.33 15.18 -0.69
C ILE E 106 -19.05 15.62 0.58
N GLY E 107 -20.37 15.49 0.59
CA GLY E 107 -21.17 15.87 1.74
C GLY E 107 -20.99 14.91 2.89
N GLU E 108 -21.44 15.32 4.07
CA GLU E 108 -21.35 14.48 5.27
C GLU E 108 -21.95 13.09 5.08
N GLY E 109 -21.49 12.16 5.91
CA GLY E 109 -22.07 10.85 5.99
C GLY E 109 -21.86 9.98 4.77
N SER E 110 -20.78 10.20 4.04
CA SER E 110 -20.48 9.32 2.91
C SER E 110 -19.98 7.97 3.41
N LEU E 111 -20.10 6.96 2.55
CA LEU E 111 -19.66 5.60 2.87
C LEU E 111 -19.13 4.98 1.60
N LEU E 112 -17.81 4.86 1.51
CA LEU E 112 -17.16 4.34 0.31
C LEU E 112 -16.55 3.00 0.64
N CYS E 113 -17.08 1.94 0.04
CA CYS E 113 -16.63 0.59 0.33
C CYS E 113 -15.37 0.22 -0.47
N PRO E 114 -14.79 -0.95 -0.20
CA PRO E 114 -13.57 -1.37 -0.91
C PRO E 114 -13.66 -1.30 -2.44
N PHE E 115 -12.55 -0.93 -3.07
CA PHE E 115 -12.44 -0.83 -4.54
C PHE E 115 -13.30 0.23 -5.20
N THR E 116 -13.68 1.27 -4.46
CA THR E 116 -14.44 2.37 -5.05
C THR E 116 -13.52 3.45 -5.62
N CYS E 117 -14.02 4.20 -6.60
CA CYS E 117 -13.20 5.21 -7.25
C CYS E 117 -14.02 6.45 -7.59
N LEU E 118 -13.54 7.62 -7.15
CA LEU E 118 -14.10 8.89 -7.57
C LEU E 118 -12.99 9.62 -8.30
N THR E 119 -13.22 10.02 -9.55
CA THR E 119 -12.14 10.63 -10.32
C THR E 119 -11.99 12.14 -10.02
N SER E 120 -12.31 13.01 -10.98
CA SER E 120 -12.03 14.45 -10.83
C SER E 120 -13.21 15.37 -11.10
N ASN E 121 -13.28 16.47 -10.35
CA ASN E 121 -14.28 17.51 -10.57
C ASN E 121 -15.68 16.97 -10.37
N ILE E 122 -15.98 16.63 -9.12
CA ILE E 122 -17.17 15.88 -8.79
C ILE E 122 -17.77 16.52 -7.55
N LYS E 123 -19.09 16.70 -7.58
CA LYS E 123 -19.78 17.16 -6.39
C LYS E 123 -20.75 16.10 -5.92
N ILE E 124 -20.67 15.75 -4.66
CA ILE E 124 -21.52 14.70 -4.09
C ILE E 124 -22.21 15.23 -2.85
N GLY E 125 -23.52 15.02 -2.76
CA GLY E 125 -24.28 15.48 -1.62
C GLY E 125 -24.04 14.65 -0.37
N LYS E 126 -25.06 14.60 0.48
CA LYS E 126 -24.96 13.98 1.79
C LYS E 126 -25.39 12.52 1.77
N PHE E 127 -24.82 11.75 2.70
CA PHE E 127 -25.20 10.37 2.92
C PHE E 127 -25.20 9.55 1.63
N PHE E 128 -24.21 9.83 0.79
CA PHE E 128 -23.93 9.05 -0.41
C PHE E 128 -23.33 7.70 -0.01
N HIS E 129 -23.86 6.62 -0.58
CA HIS E 129 -23.31 5.30 -0.37
C HIS E 129 -22.81 4.75 -1.69
N ALA E 130 -21.54 4.34 -1.70
CA ALA E 130 -20.97 3.69 -2.88
C ALA E 130 -20.43 2.34 -2.43
N ASN E 131 -21.08 1.26 -2.87
CA ASN E 131 -20.68 -0.07 -2.47
C ASN E 131 -19.54 -0.57 -3.35
N ILE E 132 -19.06 -1.77 -3.08
CA ILE E 132 -17.80 -2.25 -3.66
C ILE E 132 -17.74 -2.18 -5.19
N TYR E 133 -16.58 -1.74 -5.69
CA TYR E 133 -16.30 -1.57 -7.12
C TYR E 133 -17.12 -0.48 -7.81
N SER E 134 -17.93 0.29 -7.09
CA SER E 134 -18.68 1.33 -7.78
C SER E 134 -17.79 2.55 -8.01
N TYR E 135 -18.12 3.35 -9.02
CA TYR E 135 -17.33 4.55 -9.28
C TYR E 135 -18.13 5.74 -9.81
N VAL E 136 -17.58 6.94 -9.64
CA VAL E 136 -18.10 8.16 -10.23
C VAL E 136 -16.99 8.82 -11.06
N ALA E 137 -17.26 9.07 -12.34
CA ALA E 137 -16.26 9.65 -13.25
C ALA E 137 -16.34 11.19 -13.30
N HIS E 138 -15.62 11.79 -14.24
CA HIS E 138 -15.41 13.24 -14.21
C HIS E 138 -16.69 14.06 -14.40
N ASP E 139 -16.76 15.19 -13.71
CA ASP E 139 -17.78 16.19 -14.00
C ASP E 139 -19.20 15.70 -13.71
N CYS E 140 -19.35 14.91 -12.66
CA CYS E 140 -20.66 14.47 -12.21
C CYS E 140 -21.13 15.28 -11.01
N VAL E 141 -22.44 15.34 -10.85
CA VAL E 141 -23.03 15.96 -9.67
C VAL E 141 -24.00 14.95 -9.09
N ILE E 142 -23.87 14.69 -7.79
CA ILE E 142 -24.71 13.71 -7.13
C ILE E 142 -25.41 14.30 -5.92
N GLY E 143 -26.75 14.23 -5.89
CA GLY E 143 -27.52 14.84 -4.83
C GLY E 143 -27.41 14.09 -3.52
N ASP E 144 -28.40 14.27 -2.66
CA ASP E 144 -28.41 13.64 -1.34
C ASP E 144 -29.11 12.27 -1.35
N TYR E 145 -28.71 11.41 -0.41
CA TYR E 145 -29.31 10.09 -0.23
C TYR E 145 -29.30 9.25 -1.51
N VAL E 146 -28.23 9.39 -2.28
CA VAL E 146 -28.02 8.57 -3.47
C VAL E 146 -27.32 7.27 -3.06
N THR E 147 -27.64 6.18 -3.76
CA THR E 147 -27.09 4.88 -3.37
C THR E 147 -26.57 4.10 -4.58
N PHE E 148 -25.29 3.75 -4.57
CA PHE E 148 -24.70 2.91 -5.62
C PHE E 148 -24.49 1.50 -5.10
N ALA E 149 -25.13 0.53 -5.74
CA ALA E 149 -24.91 -0.88 -5.41
C ALA E 149 -23.54 -1.29 -5.93
N PRO E 150 -23.08 -2.49 -5.56
CA PRO E 150 -21.76 -2.91 -6.03
C PRO E 150 -21.64 -2.88 -7.55
N GLY E 151 -20.52 -2.36 -8.05
CA GLY E 151 -20.25 -2.37 -9.47
C GLY E 151 -20.98 -1.35 -10.31
N ALA E 152 -21.68 -0.41 -9.66
CA ALA E 152 -22.39 0.63 -10.41
C ALA E 152 -21.39 1.54 -11.11
N LYS E 153 -21.64 1.83 -12.38
CA LYS E 153 -20.69 2.57 -13.18
C LYS E 153 -21.25 3.90 -13.69
N CYS E 154 -20.96 4.97 -12.95
CA CYS E 154 -21.42 6.30 -13.30
C CYS E 154 -20.33 7.04 -14.07
N ASN E 155 -20.49 7.13 -15.39
CA ASN E 155 -19.48 7.77 -16.22
C ASN E 155 -19.57 9.30 -16.21
N GLY E 156 -18.80 9.98 -17.06
CA GLY E 156 -18.65 11.43 -16.97
C GLY E 156 -19.88 12.25 -17.35
N ASN E 157 -19.97 13.46 -16.82
CA ASN E 157 -21.06 14.38 -17.15
C ASN E 157 -22.45 13.78 -16.93
N ILE E 158 -22.63 13.23 -15.74
CA ILE E 158 -23.91 12.69 -15.31
C ILE E 158 -24.33 13.39 -14.04
N HIS E 159 -25.61 13.80 -13.99
CA HIS E 159 -26.18 14.36 -12.79
C HIS E 159 -27.15 13.35 -12.22
N ILE E 160 -26.96 12.99 -10.96
CA ILE E 160 -27.83 12.00 -10.32
C ILE E 160 -28.54 12.67 -9.15
N GLU E 161 -29.87 12.79 -9.25
CA GLU E 161 -30.64 13.57 -8.28
C GLU E 161 -30.96 12.82 -6.99
N ASP E 162 -31.52 13.54 -6.00
CA ASP E 162 -31.77 12.97 -4.68
C ASP E 162 -32.47 11.61 -4.72
N HIS E 163 -32.03 10.72 -3.85
CA HIS E 163 -32.72 9.44 -3.61
C HIS E 163 -32.67 8.43 -4.76
N ALA E 164 -31.98 8.75 -5.84
CA ALA E 164 -31.82 7.79 -6.92
C ALA E 164 -31.08 6.58 -6.39
N TYR E 165 -31.31 5.42 -7.00
CA TYR E 165 -30.62 4.19 -6.64
C TYR E 165 -30.06 3.57 -7.93
N ILE E 166 -28.75 3.31 -7.96
CA ILE E 166 -28.14 2.71 -9.14
C ILE E 166 -27.73 1.27 -8.83
N GLY E 167 -28.42 0.32 -9.44
CA GLY E 167 -28.32 -1.07 -9.05
C GLY E 167 -27.04 -1.79 -9.40
N THR E 168 -26.89 -2.99 -8.84
CA THR E 168 -25.65 -3.73 -8.93
C THR E 168 -25.24 -3.98 -10.38
N GLY E 169 -24.02 -3.57 -10.72
CA GLY E 169 -23.47 -3.75 -12.06
C GLY E 169 -24.05 -2.89 -13.16
N ALA E 170 -24.91 -1.93 -12.83
CA ALA E 170 -25.48 -1.05 -13.86
C ALA E 170 -24.42 -0.14 -14.48
N VAL E 171 -24.58 0.19 -15.74
CA VAL E 171 -23.66 1.12 -16.39
C VAL E 171 -24.43 2.30 -16.99
N ILE E 172 -23.96 3.51 -16.72
CA ILE E 172 -24.62 4.71 -17.25
C ILE E 172 -23.71 5.41 -18.23
N LYS E 173 -24.21 5.60 -19.45
CA LYS E 173 -23.47 6.27 -20.51
C LYS E 173 -23.11 7.70 -20.11
N GLN E 174 -21.94 8.17 -20.53
CA GLN E 174 -21.54 9.55 -20.22
C GLN E 174 -22.44 10.57 -20.93
N GLY E 175 -22.65 11.71 -20.29
CA GLY E 175 -23.29 12.83 -20.96
C GLY E 175 -22.23 13.68 -21.64
N THR E 176 -22.58 14.94 -21.91
CA THR E 176 -21.60 15.88 -22.45
C THR E 176 -21.63 17.11 -21.56
N PRO E 177 -20.65 18.00 -21.74
CA PRO E 177 -20.68 19.22 -20.92
C PRO E 177 -21.98 20.00 -21.13
N ASP E 178 -22.40 20.14 -22.38
CA ASP E 178 -23.64 20.84 -22.71
C ASP E 178 -24.90 20.07 -22.34
N LYS E 179 -24.87 18.76 -22.53
CA LYS E 179 -26.02 17.91 -22.22
C LYS E 179 -25.66 16.81 -21.22
N PRO E 180 -25.76 17.11 -19.93
CA PRO E 180 -25.55 16.04 -18.96
C PRO E 180 -26.61 14.96 -19.15
N LEU E 181 -26.27 13.71 -18.88
CA LEU E 181 -27.28 12.68 -18.79
C LEU E 181 -27.83 12.74 -17.37
N ILE E 182 -29.15 12.76 -17.24
CA ILE E 182 -29.76 12.96 -15.93
C ILE E 182 -30.48 11.71 -15.43
N ILE E 183 -30.27 11.40 -14.15
CA ILE E 183 -31.02 10.37 -13.46
C ILE E 183 -31.90 11.09 -12.46
N GLY E 184 -33.20 11.11 -12.72
CA GLY E 184 -34.11 11.94 -11.95
C GLY E 184 -34.34 11.47 -10.53
N LYS E 185 -34.87 12.37 -9.70
CA LYS E 185 -35.11 12.08 -8.29
C LYS E 185 -35.82 10.75 -8.09
N GLY E 186 -35.34 9.98 -7.12
CA GLY E 186 -35.98 8.74 -6.73
C GLY E 186 -36.04 7.69 -7.82
N ALA E 187 -35.41 7.96 -8.97
CA ALA E 187 -35.36 6.98 -10.04
C ALA E 187 -34.58 5.75 -9.57
N ILE E 188 -34.90 4.61 -10.18
CA ILE E 188 -34.21 3.36 -9.89
C ILE E 188 -33.62 2.75 -11.15
N VAL E 189 -32.31 2.65 -11.19
CA VAL E 189 -31.64 1.98 -12.31
C VAL E 189 -31.42 0.55 -11.87
N GLY E 190 -32.03 -0.39 -12.60
CA GLY E 190 -32.06 -1.77 -12.15
C GLY E 190 -30.74 -2.48 -12.31
N MET E 191 -30.53 -3.53 -11.54
CA MET E 191 -29.32 -4.30 -11.64
C MET E 191 -29.04 -4.69 -13.09
N GLY E 192 -27.79 -4.53 -13.51
CA GLY E 192 -27.38 -4.93 -14.84
C GLY E 192 -27.85 -4.01 -15.96
N ALA E 193 -28.60 -2.98 -15.62
CA ALA E 193 -29.13 -2.09 -16.65
C ALA E 193 -28.05 -1.32 -17.39
N VAL E 194 -28.19 -1.22 -18.70
CA VAL E 194 -27.29 -0.42 -19.52
C VAL E 194 -28.03 0.85 -19.95
N VAL E 195 -27.75 1.95 -19.25
CA VAL E 195 -28.48 3.20 -19.41
C VAL E 195 -27.85 4.15 -20.44
N THR E 196 -28.60 4.43 -21.50
CA THR E 196 -28.05 5.21 -22.62
C THR E 196 -28.71 6.58 -22.80
N LYS E 197 -29.65 6.92 -21.92
CA LYS E 197 -30.31 8.21 -21.98
C LYS E 197 -30.85 8.57 -20.60
N SER E 198 -31.18 9.84 -20.41
CA SER E 198 -31.71 10.31 -19.14
C SER E 198 -32.89 9.49 -18.66
N VAL E 199 -33.04 9.43 -17.34
CA VAL E 199 -34.10 8.65 -16.70
C VAL E 199 -34.98 9.58 -15.86
N PRO E 200 -36.27 9.67 -16.20
CA PRO E 200 -37.14 10.64 -15.50
C PRO E 200 -37.34 10.28 -14.04
N ALA E 201 -37.76 11.26 -13.25
CA ALA E 201 -37.96 11.06 -11.82
C ALA E 201 -38.89 9.88 -11.53
N GLY E 202 -38.57 9.14 -10.47
CA GLY E 202 -39.45 8.10 -9.94
C GLY E 202 -39.71 6.91 -10.84
N VAL E 203 -38.98 6.81 -11.94
CA VAL E 203 -39.10 5.68 -12.87
C VAL E 203 -38.10 4.57 -12.54
N THR E 204 -38.44 3.33 -12.89
CA THR E 204 -37.50 2.22 -12.81
C THR E 204 -37.14 1.77 -14.21
N VAL E 205 -35.85 1.67 -14.51
CA VAL E 205 -35.42 1.18 -15.82
C VAL E 205 -34.62 -0.10 -15.68
N VAL E 206 -34.78 -1.02 -16.62
CA VAL E 206 -34.06 -2.29 -16.59
C VAL E 206 -33.62 -2.68 -18.00
N GLY E 207 -32.62 -3.56 -18.09
CA GLY E 207 -32.25 -4.16 -19.34
C GLY E 207 -31.15 -3.48 -20.14
N ASN E 208 -30.86 -4.07 -21.29
CA ASN E 208 -29.87 -3.55 -22.20
C ASN E 208 -30.41 -3.65 -23.63
N PRO E 209 -30.77 -2.50 -24.24
CA PRO E 209 -30.72 -1.14 -23.66
C PRO E 209 -31.75 -0.98 -22.54
N ALA E 210 -31.48 -0.09 -21.58
CA ALA E 210 -32.39 0.13 -20.46
C ALA E 210 -33.74 0.69 -20.96
N ARG E 211 -34.83 0.21 -20.36
CA ARG E 211 -36.19 0.63 -20.74
C ARG E 211 -37.05 0.69 -19.50
N ILE E 212 -38.08 1.54 -19.53
CA ILE E 212 -38.95 1.66 -18.36
C ILE E 212 -39.59 0.34 -18.01
N LEU E 213 -39.74 0.10 -16.70
CA LEU E 213 -40.27 -1.15 -16.19
C LEU E 213 -41.67 -0.92 -15.63
N MET F 1 13.08 25.51 -15.80
CA MET F 1 12.85 25.15 -17.19
C MET F 1 13.63 23.90 -17.59
N THR F 2 13.80 22.97 -16.65
CA THR F 2 14.48 21.73 -16.95
C THR F 2 13.53 20.79 -17.69
N MET F 3 12.29 20.70 -17.23
CA MET F 3 11.32 19.79 -17.82
C MET F 3 9.93 20.38 -17.76
N ILE F 4 9.20 20.31 -18.86
CA ILE F 4 7.79 20.65 -18.82
C ILE F 4 6.97 19.46 -19.30
N ILE F 5 5.84 19.22 -18.63
CA ILE F 5 4.99 18.08 -18.94
C ILE F 5 3.61 18.55 -19.39
N GLY F 6 3.16 18.03 -20.52
CA GLY F 6 1.85 18.42 -21.03
C GLY F 6 0.85 17.28 -21.02
N VAL F 7 -0.38 17.60 -20.64
CA VAL F 7 -1.48 16.67 -20.80
C VAL F 7 -2.32 17.13 -21.99
N TYR F 8 -2.23 16.41 -23.10
CA TYR F 8 -2.92 16.81 -24.32
C TYR F 8 -4.40 16.43 -24.24
N GLY F 9 -5.24 17.45 -24.07
CA GLY F 9 -6.67 17.29 -23.94
C GLY F 9 -7.13 17.83 -22.60
N ALA F 10 -7.71 19.03 -22.58
CA ALA F 10 -8.19 19.58 -21.32
C ALA F 10 -9.56 18.98 -20.99
N SER F 11 -10.42 18.93 -21.97
CA SER F 11 -11.76 18.38 -21.77
C SER F 11 -11.74 16.92 -21.29
N GLY F 12 -12.54 16.66 -20.25
CA GLY F 12 -12.95 15.32 -19.86
C GLY F 12 -11.95 14.40 -19.19
N PHE F 13 -11.38 13.49 -19.97
CA PHE F 13 -10.41 12.53 -19.50
CA PHE F 13 -10.45 12.54 -19.40
C PHE F 13 -9.15 13.20 -18.95
N GLY F 14 -8.80 14.33 -19.56
CA GLY F 14 -7.62 15.10 -19.19
C GLY F 14 -7.53 15.39 -17.71
N LYS F 15 -8.64 15.86 -17.12
CA LYS F 15 -8.69 16.17 -15.70
C LYS F 15 -8.52 14.94 -14.81
N GLU F 16 -8.79 13.77 -15.38
CA GLU F 16 -8.55 12.51 -14.69
C GLU F 16 -7.08 12.12 -14.80
N VAL F 17 -6.47 12.45 -15.94
CA VAL F 17 -5.10 12.04 -16.22
C VAL F 17 -4.06 12.93 -15.52
N MET F 18 -4.39 14.21 -15.33
CA MET F 18 -3.44 15.14 -14.72
C MET F 18 -2.95 14.68 -13.34
N PRO F 19 -3.87 14.36 -12.41
CA PRO F 19 -3.36 13.94 -11.09
C PRO F 19 -2.53 12.63 -11.12
N LEU F 20 -2.76 11.78 -12.12
CA LEU F 20 -1.96 10.57 -12.33
C LEU F 20 -0.53 10.94 -12.74
N VAL F 21 -0.40 11.90 -13.66
CA VAL F 21 0.95 12.32 -14.07
C VAL F 21 1.64 13.08 -12.94
N ARG F 22 0.86 13.78 -12.12
CA ARG F 22 1.42 14.47 -10.96
C ARG F 22 2.08 13.44 -10.05
N GLN F 23 1.37 12.34 -9.79
CA GLN F 23 1.87 11.30 -8.90
C GLN F 23 3.01 10.55 -9.54
N GLN F 24 3.00 10.46 -10.86
CA GLN F 24 4.06 9.75 -11.57
C GLN F 24 5.37 10.53 -11.47
N PHE F 25 5.28 11.85 -11.30
CA PHE F 25 6.47 12.71 -11.18
C PHE F 25 6.36 13.71 -10.01
N PRO F 26 6.41 13.20 -8.78
CA PRO F 26 6.13 13.96 -7.55
C PRO F 26 7.12 15.07 -7.21
N THR F 27 8.33 15.05 -7.77
CA THR F 27 9.31 16.08 -7.43
C THR F 27 9.23 17.28 -8.36
N LEU F 28 8.46 17.15 -9.44
CA LEU F 28 8.16 18.29 -10.30
C LEU F 28 7.14 19.19 -9.63
N SER F 29 7.38 20.50 -9.65
CA SER F 29 6.42 21.43 -9.06
C SER F 29 5.24 21.66 -10.00
N LYS F 30 4.13 22.13 -9.44
CA LYS F 30 2.91 22.31 -10.20
C LYS F 30 3.15 23.13 -11.46
N GLU F 31 4.04 24.12 -11.37
CA GLU F 31 4.24 25.05 -12.47
C GLU F 31 4.93 24.40 -13.67
N GLN F 32 5.48 23.20 -13.50
CA GLN F 32 6.01 22.47 -14.64
C GLN F 32 4.93 21.67 -15.43
N PHE F 33 3.66 21.84 -15.08
CA PHE F 33 2.59 21.07 -15.73
C PHE F 33 1.57 21.94 -16.44
N ALA F 34 1.14 21.49 -17.61
CA ALA F 34 0.13 22.21 -18.36
C ALA F 34 -0.81 21.25 -19.08
N PHE F 35 -2.03 21.71 -19.32
CA PHE F 35 -2.91 21.07 -20.30
C PHE F 35 -2.61 21.68 -21.65
N ILE F 36 -2.66 20.86 -22.69
CA ILE F 36 -2.53 21.34 -24.05
C ILE F 36 -3.88 21.13 -24.73
N ASP F 37 -4.38 22.18 -25.38
CA ASP F 37 -5.73 22.16 -25.94
C ASP F 37 -5.97 23.44 -26.73
N ASP F 38 -5.93 23.36 -28.06
CA ASP F 38 -6.12 24.56 -28.88
C ASP F 38 -7.48 25.22 -28.61
N GLY F 39 -8.51 24.40 -28.47
CA GLY F 39 -9.85 24.89 -28.20
C GLY F 39 -9.99 25.75 -26.95
N LEU F 40 -9.34 25.34 -25.86
CA LEU F 40 -9.50 26.04 -24.59
C LEU F 40 -8.24 26.82 -24.24
N SER F 41 -7.40 26.99 -25.25
CA SER F 41 -6.17 27.76 -25.10
C SER F 41 -6.45 29.07 -24.35
N GLY F 42 -5.53 29.44 -23.46
CA GLY F 42 -5.61 30.70 -22.75
C GLY F 42 -6.49 30.70 -21.51
N THR F 43 -7.05 29.55 -21.17
CA THR F 43 -7.83 29.43 -19.93
C THR F 43 -7.03 28.69 -18.86
N THR F 44 -7.59 28.59 -17.66
CA THR F 44 -7.01 27.74 -16.61
C THR F 44 -7.99 26.63 -16.20
N LEU F 45 -7.46 25.44 -15.94
CA LEU F 45 -8.27 24.29 -15.52
C LEU F 45 -7.66 23.65 -14.28
N ASN F 46 -8.43 23.62 -13.19
CA ASN F 46 -7.96 23.06 -11.93
C ASN F 46 -6.62 23.67 -11.49
N GLY F 47 -6.41 24.94 -11.82
CA GLY F 47 -5.25 25.64 -11.36
C GLY F 47 -4.08 25.54 -12.32
N TYR F 48 -4.26 24.76 -13.38
CA TYR F 48 -3.22 24.61 -14.40
C TYR F 48 -3.55 25.50 -15.58
N PRO F 49 -2.52 25.97 -16.28
CA PRO F 49 -2.78 26.70 -17.51
C PRO F 49 -3.14 25.74 -18.62
N VAL F 50 -4.09 26.13 -19.47
CA VAL F 50 -4.36 25.41 -20.70
C VAL F 50 -3.67 26.16 -21.83
N LEU F 51 -2.74 25.50 -22.50
CA LEU F 51 -1.96 26.13 -23.55
C LEU F 51 -2.37 25.59 -24.92
N SER F 52 -2.16 26.39 -25.95
CA SER F 52 -2.28 25.90 -27.31
C SER F 52 -1.05 25.06 -27.57
N TYR F 53 -1.10 24.18 -28.56
CA TYR F 53 0.07 23.37 -28.86
C TYR F 53 1.27 24.23 -29.23
N LEU F 54 1.04 25.29 -29.98
CA LEU F 54 2.14 26.16 -30.42
C LEU F 54 2.80 26.86 -29.24
N ASP F 55 2.00 27.35 -28.30
CA ASP F 55 2.54 27.96 -27.08
C ASP F 55 3.35 26.95 -26.25
N PHE F 56 2.83 25.75 -26.10
CA PHE F 56 3.53 24.70 -25.36
C PHE F 56 4.91 24.44 -25.98
N ILE F 57 4.94 24.26 -27.29
CA ILE F 57 6.18 24.00 -28.00
C ILE F 57 7.18 25.15 -27.88
N SER F 58 6.66 26.37 -27.78
CA SER F 58 7.50 27.55 -27.76
C SER F 58 8.12 27.81 -26.39
N LYS F 59 7.58 27.18 -25.35
CA LYS F 59 8.13 27.28 -24.01
C LYS F 59 9.62 26.94 -24.02
N PRO F 60 10.41 27.59 -23.14
CA PRO F 60 11.88 27.48 -23.14
C PRO F 60 12.45 26.16 -22.61
N ALA F 61 11.68 25.40 -21.84
CA ALA F 61 12.15 24.15 -21.22
C ALA F 61 13.14 23.32 -22.06
N ASP F 62 14.14 22.76 -21.39
CA ASP F 62 15.15 21.95 -22.04
C ASP F 62 14.56 20.63 -22.54
N HIS F 63 13.65 20.06 -21.77
CA HIS F 63 13.01 18.80 -22.15
C HIS F 63 11.50 18.89 -22.02
N LYS F 64 10.80 18.28 -22.97
CA LYS F 64 9.34 18.29 -22.96
C LYS F 64 8.79 16.88 -23.14
N ALA F 65 7.74 16.56 -22.38
CA ALA F 65 7.11 15.25 -22.47
C ALA F 65 5.60 15.43 -22.37
N VAL F 66 4.87 14.58 -23.08
CA VAL F 66 3.42 14.73 -23.12
C VAL F 66 2.73 13.39 -23.05
N THR F 67 1.63 13.35 -22.31
CA THR F 67 0.71 12.24 -22.36
C THR F 67 -0.55 12.73 -23.06
N ILE F 68 -1.01 11.97 -24.04
CA ILE F 68 -2.20 12.35 -24.80
C ILE F 68 -3.43 11.77 -24.14
N ALA F 69 -4.23 12.61 -23.49
CA ALA F 69 -5.40 12.11 -22.78
C ALA F 69 -6.61 11.89 -23.72
N ILE F 70 -6.43 12.19 -25.00
CA ILE F 70 -7.52 12.13 -25.97
C ILE F 70 -7.91 10.70 -26.39
N ALA F 71 -9.20 10.39 -26.26
CA ALA F 71 -9.68 9.02 -26.45
C ALA F 71 -9.79 8.58 -27.92
N ASN F 72 -10.28 9.47 -28.79
CA ASN F 72 -10.41 9.12 -30.21
C ASN F 72 -9.09 8.68 -30.79
N SER F 73 -9.04 7.47 -31.35
CA SER F 73 -7.77 6.87 -31.72
C SER F 73 -7.12 7.52 -32.93
N VAL F 74 -7.94 8.03 -33.85
CA VAL F 74 -7.45 8.72 -35.03
C VAL F 74 -6.83 10.06 -34.66
N VAL F 75 -7.51 10.83 -33.82
CA VAL F 75 -6.96 12.08 -33.34
C VAL F 75 -5.69 11.81 -32.53
N ARG F 76 -5.70 10.76 -31.71
CA ARG F 76 -4.53 10.40 -30.93
C ARG F 76 -3.32 10.14 -31.83
N GLU F 77 -3.52 9.36 -32.89
CA GLU F 77 -2.44 9.10 -33.83
C GLU F 77 -1.94 10.38 -34.51
N LYS F 78 -2.87 11.29 -34.82
CA LYS F 78 -2.50 12.55 -35.46
C LYS F 78 -1.57 13.32 -34.54
N LEU F 79 -1.93 13.41 -33.27
CA LEU F 79 -1.17 14.18 -32.30
C LEU F 79 0.21 13.55 -32.08
N VAL F 80 0.28 12.22 -32.12
CA VAL F 80 1.57 11.56 -32.00
C VAL F 80 2.54 12.05 -33.07
N SER F 81 2.06 12.14 -34.31
CA SER F 81 2.89 12.62 -35.43
C SER F 81 3.37 14.03 -35.19
N LEU F 82 2.49 14.85 -34.62
CA LEU F 82 2.82 16.23 -34.30
C LEU F 82 3.94 16.29 -33.26
N LEU F 83 3.76 15.54 -32.17
CA LEU F 83 4.76 15.51 -31.10
C LEU F 83 6.12 15.03 -31.61
N GLU F 84 6.12 14.02 -32.45
CA GLU F 84 7.39 13.48 -32.94
C GLU F 84 8.10 14.41 -33.90
N LYS F 85 7.32 15.19 -34.65
CA LYS F 85 7.88 16.25 -35.48
C LYS F 85 8.70 17.18 -34.60
N ASP F 86 8.11 17.63 -33.49
CA ASP F 86 8.74 18.61 -32.60
C ASP F 86 9.65 17.97 -31.56
N GLY F 87 9.92 16.68 -31.72
CA GLY F 87 10.79 15.94 -30.82
C GLY F 87 10.35 15.92 -29.37
N VAL F 88 9.05 16.05 -29.12
CA VAL F 88 8.52 15.95 -27.77
C VAL F 88 8.45 14.48 -27.35
N GLN F 89 8.66 14.25 -26.06
CA GLN F 89 8.80 12.91 -25.50
C GLN F 89 7.42 12.35 -25.14
N HIS F 90 7.21 11.07 -25.39
CA HIS F 90 5.96 10.40 -25.00
C HIS F 90 6.03 9.83 -23.59
N LEU F 91 5.13 10.29 -22.75
CA LEU F 91 5.07 9.90 -21.34
C LEU F 91 4.17 8.66 -21.15
N ALA F 92 4.68 7.67 -20.42
CA ALA F 92 3.87 6.54 -19.97
C ALA F 92 3.30 6.85 -18.59
N VAL F 93 2.03 6.55 -18.37
CA VAL F 93 1.40 6.83 -17.10
C VAL F 93 0.68 5.59 -16.56
N GLN F 94 0.95 5.23 -15.31
CA GLN F 94 0.22 4.16 -14.64
C GLN F 94 -0.37 4.73 -13.37
N SER F 95 -1.25 3.98 -12.74
CA SER F 95 -1.78 4.40 -11.46
C SER F 95 -1.05 3.61 -10.42
N THR F 96 -1.04 4.10 -9.19
CA THR F 96 -0.26 3.45 -8.17
C THR F 96 -0.83 2.04 -7.91
N ASN F 97 -2.14 1.85 -8.12
CA ASN F 97 -2.74 0.56 -7.80
C ASN F 97 -2.89 -0.37 -8.99
N THR F 98 -2.30 -0.01 -10.12
CA THR F 98 -2.36 -0.84 -11.31
C THR F 98 -1.58 -2.12 -11.06
N VAL F 99 -2.09 -3.25 -11.54
CA VAL F 99 -1.37 -4.52 -11.39
C VAL F 99 -0.91 -5.05 -12.74
N ILE F 100 0.36 -5.42 -12.83
CA ILE F 100 0.93 -5.99 -14.04
C ILE F 100 1.71 -7.25 -13.65
N LEU F 101 1.36 -8.40 -14.22
CA LEU F 101 2.06 -9.65 -13.85
C LEU F 101 3.24 -9.96 -14.78
N ASP F 102 3.37 -11.22 -15.21
CA ASP F 102 4.58 -11.70 -15.89
C ASP F 102 4.59 -11.46 -17.40
N GLU F 103 5.75 -11.07 -17.92
CA GLU F 103 5.98 -11.07 -19.36
C GLU F 103 4.98 -10.19 -20.08
N VAL F 104 4.77 -8.99 -19.59
CA VAL F 104 3.89 -8.05 -20.28
C VAL F 104 4.76 -7.06 -21.04
N GLU F 105 4.67 -7.06 -22.36
CA GLU F 105 5.37 -6.04 -23.15
C GLU F 105 4.42 -4.91 -23.57
N ILE F 106 4.83 -3.68 -23.33
CA ILE F 106 3.98 -2.52 -23.60
C ILE F 106 4.70 -1.43 -24.39
N GLY F 107 4.11 -1.03 -25.51
CA GLY F 107 4.66 0.03 -26.33
C GLY F 107 4.56 1.39 -25.67
N GLU F 108 5.27 2.37 -26.24
CA GLU F 108 5.31 3.71 -25.67
C GLU F 108 3.93 4.35 -25.61
N GLY F 109 3.79 5.37 -24.76
CA GLY F 109 2.57 6.15 -24.67
C GLY F 109 1.38 5.44 -24.04
N SER F 110 1.65 4.46 -23.18
CA SER F 110 0.54 3.76 -22.53
C SER F 110 -0.05 4.65 -21.44
N LEU F 111 -1.31 4.42 -21.13
CA LEU F 111 -1.98 5.19 -20.10
C LEU F 111 -2.91 4.26 -19.36
N LEU F 112 -2.56 3.92 -18.12
CA LEU F 112 -3.31 2.93 -17.37
C LEU F 112 -3.89 3.55 -16.12
N CYS F 113 -5.22 3.66 -16.09
CA CYS F 113 -5.91 4.36 -15.02
C CYS F 113 -6.08 3.49 -13.77
N PRO F 114 -6.65 4.05 -12.70
CA PRO F 114 -6.76 3.30 -11.45
C PRO F 114 -7.55 2.00 -11.59
N PHE F 115 -7.17 1.01 -10.81
CA PHE F 115 -7.80 -0.31 -10.80
C PHE F 115 -7.69 -1.09 -12.11
N THR F 116 -6.67 -0.80 -12.92
CA THR F 116 -6.42 -1.58 -14.13
C THR F 116 -5.52 -2.78 -13.86
N CYS F 117 -5.66 -3.82 -14.67
CA CYS F 117 -4.92 -5.06 -14.45
C CYS F 117 -4.48 -5.65 -15.77
N LEU F 118 -3.19 -5.92 -15.90
CA LEU F 118 -2.69 -6.70 -17.03
C LEU F 118 -2.03 -7.96 -16.45
N THR F 119 -2.48 -9.15 -16.85
CA THR F 119 -1.95 -10.36 -16.23
C THR F 119 -0.62 -10.82 -16.85
N SER F 120 -0.59 -11.95 -17.56
CA SER F 120 0.68 -12.46 -18.03
C SER F 120 0.74 -12.80 -19.51
N ASN F 121 1.94 -12.65 -20.09
CA ASN F 121 2.21 -13.02 -21.48
C ASN F 121 1.33 -12.25 -22.44
N ILE F 122 1.52 -10.93 -22.42
CA ILE F 122 0.67 -10.01 -23.15
C ILE F 122 1.56 -9.08 -23.96
N LYS F 123 1.15 -8.80 -25.19
CA LYS F 123 1.86 -7.89 -26.05
C LYS F 123 0.92 -6.75 -26.37
N ILE F 124 1.29 -5.54 -25.97
CA ILE F 124 0.45 -4.37 -26.20
C ILE F 124 1.25 -3.36 -27.03
N GLY F 125 0.63 -2.83 -28.08
CA GLY F 125 1.31 -1.87 -28.94
C GLY F 125 1.41 -0.48 -28.36
N LYS F 126 1.49 0.52 -29.26
CA LYS F 126 1.70 1.90 -28.85
C LYS F 126 0.42 2.63 -28.51
N PHE F 127 0.54 3.61 -27.60
CA PHE F 127 -0.55 4.53 -27.23
C PHE F 127 -1.86 3.83 -26.85
N PHE F 128 -1.71 2.75 -26.09
CA PHE F 128 -2.81 2.04 -25.47
C PHE F 128 -3.40 2.82 -24.30
N HIS F 129 -4.73 2.91 -24.24
CA HIS F 129 -5.42 3.53 -23.12
C HIS F 129 -6.32 2.50 -22.43
N ALA F 130 -6.14 2.34 -21.13
CA ALA F 130 -7.01 1.49 -20.34
C ALA F 130 -7.59 2.32 -19.22
N ASN F 131 -8.89 2.60 -19.30
CA ASN F 131 -9.54 3.40 -18.25
C ASN F 131 -9.83 2.55 -17.03
N ILE F 132 -10.40 3.17 -16.01
CA ILE F 132 -10.56 2.52 -14.71
C ILE F 132 -11.25 1.15 -14.77
N TYR F 133 -10.70 0.22 -14.00
CA TYR F 133 -11.21 -1.14 -13.87
C TYR F 133 -11.10 -2.00 -15.13
N SER F 134 -10.44 -1.52 -16.18
CA SER F 134 -10.35 -2.35 -17.37
C SER F 134 -9.19 -3.35 -17.23
N TYR F 135 -9.22 -4.45 -17.98
CA TYR F 135 -8.14 -5.41 -17.85
C TYR F 135 -7.82 -6.16 -19.12
N VAL F 136 -6.59 -6.67 -19.20
CA VAL F 136 -6.21 -7.57 -20.28
C VAL F 136 -5.68 -8.85 -19.65
N ALA F 137 -6.24 -9.99 -20.03
CA ALA F 137 -5.86 -11.27 -19.43
C ALA F 137 -4.81 -12.00 -20.30
N HIS F 138 -4.54 -13.25 -19.96
CA HIS F 138 -3.33 -13.91 -20.45
C HIS F 138 -3.30 -14.14 -21.96
N ASP F 139 -2.10 -14.07 -22.53
CA ASP F 139 -1.92 -14.46 -23.92
C ASP F 139 -2.72 -13.60 -24.91
N CYS F 140 -2.83 -12.30 -24.62
CA CYS F 140 -3.46 -11.38 -25.56
C CYS F 140 -2.41 -10.63 -26.37
N VAL F 141 -2.81 -10.24 -27.57
CA VAL F 141 -2.02 -9.38 -28.41
C VAL F 141 -2.89 -8.18 -28.76
N ILE F 142 -2.43 -6.99 -28.40
CA ILE F 142 -3.19 -5.78 -28.62
C ILE F 142 -2.37 -4.82 -29.50
N GLY F 143 -3.01 -4.27 -30.53
CA GLY F 143 -2.31 -3.43 -31.51
C GLY F 143 -2.07 -2.01 -31.04
N ASP F 144 -1.96 -1.08 -31.99
CA ASP F 144 -1.71 0.33 -31.68
C ASP F 144 -3.00 1.15 -31.62
N TYR F 145 -2.97 2.24 -30.87
CA TYR F 145 -4.09 3.17 -30.78
C TYR F 145 -5.39 2.46 -30.38
N VAL F 146 -5.26 1.46 -29.51
CA VAL F 146 -6.41 0.79 -28.93
C VAL F 146 -6.88 1.49 -27.65
N THR F 147 -8.19 1.52 -27.44
CA THR F 147 -8.76 2.23 -26.31
C THR F 147 -9.75 1.34 -25.56
N PHE F 148 -9.55 1.20 -24.26
CA PHE F 148 -10.44 0.43 -23.40
C PHE F 148 -11.17 1.44 -22.52
N ALA F 149 -12.50 1.45 -22.60
CA ALA F 149 -13.33 2.27 -21.74
C ALA F 149 -13.38 1.65 -20.34
N PRO F 150 -13.93 2.38 -19.35
CA PRO F 150 -13.94 1.80 -18.01
C PRO F 150 -14.61 0.43 -17.92
N GLY F 151 -13.96 -0.48 -17.21
CA GLY F 151 -14.53 -1.80 -16.96
C GLY F 151 -14.60 -2.71 -18.16
N ALA F 152 -13.85 -2.39 -19.22
CA ALA F 152 -13.77 -3.28 -20.37
C ALA F 152 -13.02 -4.55 -20.00
N LYS F 153 -13.55 -5.70 -20.39
CA LYS F 153 -13.03 -6.97 -19.92
C LYS F 153 -12.56 -7.83 -21.07
N CYS F 154 -11.24 -7.83 -21.25
CA CYS F 154 -10.60 -8.56 -22.31
C CYS F 154 -9.97 -9.85 -21.76
N ASN F 155 -10.66 -10.96 -21.96
CA ASN F 155 -10.19 -12.26 -21.48
C ASN F 155 -9.04 -12.84 -22.32
N GLY F 156 -8.63 -14.06 -22.00
CA GLY F 156 -7.42 -14.62 -22.56
C GLY F 156 -7.49 -14.99 -24.03
N ASN F 157 -6.33 -15.01 -24.68
CA ASN F 157 -6.23 -15.42 -26.09
C ASN F 157 -7.11 -14.57 -27.00
N ILE F 158 -7.08 -13.28 -26.77
CA ILE F 158 -7.77 -12.33 -27.65
C ILE F 158 -6.73 -11.50 -28.38
N HIS F 159 -6.91 -11.36 -29.69
CA HIS F 159 -6.11 -10.43 -30.49
C HIS F 159 -6.97 -9.20 -30.83
N ILE F 160 -6.54 -8.03 -30.41
CA ILE F 160 -7.24 -6.79 -30.76
C ILE F 160 -6.41 -5.93 -31.70
N GLU F 161 -6.95 -5.65 -32.89
CA GLU F 161 -6.21 -4.94 -33.93
C GLU F 161 -6.19 -3.43 -33.69
N ASP F 162 -5.39 -2.72 -34.49
CA ASP F 162 -5.25 -1.29 -34.33
C ASP F 162 -6.58 -0.53 -34.33
N HIS F 163 -6.61 0.53 -33.53
CA HIS F 163 -7.72 1.49 -33.54
C HIS F 163 -9.05 0.92 -33.09
N ALA F 164 -9.03 -0.27 -32.49
CA ALA F 164 -10.27 -0.82 -31.93
C ALA F 164 -10.64 -0.12 -30.64
N TYR F 165 -11.94 -0.09 -30.34
CA TYR F 165 -12.45 0.54 -29.12
C TYR F 165 -13.31 -0.47 -28.37
N ILE F 166 -12.99 -0.70 -27.08
CA ILE F 166 -13.79 -1.60 -26.27
C ILE F 166 -14.55 -0.77 -25.24
N GLY F 167 -15.86 -0.79 -25.34
CA GLY F 167 -16.68 0.15 -24.60
C GLY F 167 -16.90 -0.18 -23.16
N THR F 168 -17.60 0.72 -22.47
CA THR F 168 -17.75 0.65 -21.03
C THR F 168 -18.47 -0.61 -20.58
N GLY F 169 -17.84 -1.33 -19.66
CA GLY F 169 -18.42 -2.54 -19.11
C GLY F 169 -18.58 -3.67 -20.11
N ALA F 170 -18.00 -3.53 -21.29
CA ALA F 170 -18.09 -4.59 -22.28
C ALA F 170 -17.27 -5.82 -21.86
N VAL F 171 -17.71 -7.00 -22.30
CA VAL F 171 -17.04 -8.24 -21.95
C VAL F 171 -16.72 -9.05 -23.19
N ILE F 172 -15.50 -9.55 -23.30
CA ILE F 172 -15.15 -10.37 -24.46
C ILE F 172 -14.73 -11.79 -24.04
N LYS F 173 -15.38 -12.77 -24.64
CA LYS F 173 -15.15 -14.18 -24.35
C LYS F 173 -13.73 -14.56 -24.72
N GLN F 174 -13.10 -15.43 -23.93
CA GLN F 174 -11.74 -15.86 -24.22
C GLN F 174 -11.70 -16.62 -25.55
N GLY F 175 -10.57 -16.55 -26.23
CA GLY F 175 -10.29 -17.44 -27.35
C GLY F 175 -9.56 -18.69 -26.86
N THR F 176 -8.88 -19.36 -27.77
CA THR F 176 -8.02 -20.49 -27.40
C THR F 176 -6.65 -20.26 -28.03
N PRO F 177 -5.65 -21.04 -27.60
CA PRO F 177 -4.33 -20.91 -28.25
C PRO F 177 -4.41 -21.12 -29.76
N ASP F 178 -5.20 -22.09 -30.20
CA ASP F 178 -5.26 -22.38 -31.63
C ASP F 178 -6.17 -21.41 -32.37
N LYS F 179 -7.17 -20.90 -31.66
CA LYS F 179 -8.16 -20.02 -32.26
C LYS F 179 -8.39 -18.77 -31.40
N PRO F 180 -7.51 -17.77 -31.54
CA PRO F 180 -7.74 -16.53 -30.78
C PRO F 180 -9.06 -15.91 -31.20
N LEU F 181 -9.74 -15.20 -30.30
CA LEU F 181 -10.88 -14.42 -30.68
C LEU F 181 -10.35 -13.06 -31.14
N ILE F 182 -10.75 -12.63 -32.33
CA ILE F 182 -10.19 -11.41 -32.90
C ILE F 182 -11.16 -10.23 -32.86
N ILE F 183 -10.70 -9.09 -32.36
CA ILE F 183 -11.43 -7.84 -32.52
C ILE F 183 -10.75 -7.09 -33.65
N GLY F 184 -11.48 -6.88 -34.74
CA GLY F 184 -10.90 -6.41 -35.98
C GLY F 184 -10.49 -4.94 -35.96
N LYS F 185 -9.63 -4.57 -36.90
CA LYS F 185 -9.13 -3.22 -37.04
C LYS F 185 -10.25 -2.18 -37.05
N GLY F 186 -10.17 -1.22 -36.14
CA GLY F 186 -11.16 -0.16 -36.10
C GLY F 186 -12.54 -0.59 -35.61
N ALA F 187 -12.70 -1.86 -35.25
CA ALA F 187 -13.98 -2.31 -34.71
C ALA F 187 -14.29 -1.63 -33.37
N ILE F 188 -15.58 -1.48 -33.08
CA ILE F 188 -16.08 -0.81 -31.89
C ILE F 188 -17.01 -1.74 -31.13
N VAL F 189 -16.61 -2.12 -29.92
CA VAL F 189 -17.46 -2.92 -29.04
C VAL F 189 -18.21 -1.95 -28.16
N GLY F 190 -19.54 -1.96 -28.28
CA GLY F 190 -20.34 -0.96 -27.61
C GLY F 190 -20.45 -1.14 -26.12
N MET F 191 -20.77 -0.05 -25.43
CA MET F 191 -21.01 -0.12 -24.00
C MET F 191 -21.90 -1.30 -23.66
N GLY F 192 -21.56 -2.04 -22.62
CA GLY F 192 -22.39 -3.15 -22.19
C GLY F 192 -22.47 -4.37 -23.10
N ALA F 193 -21.76 -4.36 -24.22
CA ALA F 193 -21.81 -5.49 -25.13
C ALA F 193 -21.17 -6.77 -24.56
N VAL F 194 -21.76 -7.92 -24.91
CA VAL F 194 -21.22 -9.21 -24.50
C VAL F 194 -20.80 -9.94 -25.77
N VAL F 195 -19.50 -9.91 -26.06
CA VAL F 195 -18.97 -10.49 -27.30
C VAL F 195 -18.57 -11.96 -27.15
N THR F 196 -19.19 -12.83 -27.95
CA THR F 196 -18.97 -14.25 -27.85
C THR F 196 -18.20 -14.83 -29.04
N LYS F 197 -17.91 -13.99 -30.02
CA LYS F 197 -17.16 -14.46 -31.18
C LYS F 197 -16.41 -13.29 -31.80
N SER F 198 -15.51 -13.59 -32.73
CA SER F 198 -14.69 -12.55 -33.35
C SER F 198 -15.54 -11.44 -33.96
N VAL F 199 -15.08 -10.19 -33.84
CA VAL F 199 -15.78 -9.04 -34.37
C VAL F 199 -15.04 -8.54 -35.60
N PRO F 200 -15.74 -8.44 -36.75
CA PRO F 200 -15.12 -7.99 -37.99
C PRO F 200 -14.55 -6.58 -37.90
N ALA F 201 -13.57 -6.27 -38.73
CA ALA F 201 -13.02 -4.92 -38.81
C ALA F 201 -14.08 -3.88 -39.11
N GLY F 202 -13.98 -2.71 -38.46
CA GLY F 202 -14.77 -1.55 -38.85
C GLY F 202 -16.20 -1.46 -38.36
N VAL F 203 -16.72 -2.54 -37.77
CA VAL F 203 -18.13 -2.53 -37.36
C VAL F 203 -18.31 -2.07 -35.92
N THR F 204 -19.54 -1.70 -35.59
CA THR F 204 -19.93 -1.54 -34.20
C THR F 204 -20.80 -2.73 -33.80
N VAL F 205 -20.48 -3.38 -32.67
CA VAL F 205 -21.36 -4.42 -32.15
C VAL F 205 -21.95 -3.98 -30.83
N VAL F 206 -23.21 -4.30 -30.60
CA VAL F 206 -23.88 -3.93 -29.36
C VAL F 206 -24.78 -5.05 -28.88
N GLY F 207 -25.14 -5.01 -27.60
CA GLY F 207 -26.12 -5.92 -27.06
C GLY F 207 -25.56 -7.15 -26.40
N ASN F 208 -26.46 -7.98 -25.90
CA ASN F 208 -26.11 -9.25 -25.25
C ASN F 208 -27.05 -10.34 -25.73
N PRO F 209 -26.58 -11.22 -26.63
CA PRO F 209 -25.23 -11.27 -27.20
C PRO F 209 -24.99 -10.08 -28.14
N ALA F 210 -23.74 -9.88 -28.56
CA ALA F 210 -23.39 -8.70 -29.34
C ALA F 210 -23.67 -8.92 -30.82
N ARG F 211 -24.30 -7.93 -31.45
CA ARG F 211 -24.64 -8.02 -32.88
C ARG F 211 -24.21 -6.75 -33.60
N ILE F 212 -23.89 -6.88 -34.89
CA ILE F 212 -23.53 -5.72 -35.69
C ILE F 212 -24.68 -4.72 -35.72
N LEU F 213 -24.37 -3.46 -35.42
CA LEU F 213 -25.37 -2.40 -35.36
C LEU F 213 -25.58 -1.79 -36.74
N GLU F 214 -26.83 -1.62 -37.13
CA GLU F 214 -27.18 -0.87 -38.33
C GLU F 214 -27.24 0.61 -37.96
N ARG F 215 -26.33 1.40 -38.51
CA ARG F 215 -26.17 2.76 -38.00
C ARG F 215 -26.84 3.83 -38.87
N LYS F 216 -27.33 3.43 -40.04
CA LYS F 216 -28.13 4.33 -40.87
C LYS F 216 -29.44 3.69 -41.34
#